data_6TSW
#
_entry.id   6TSW
#
_cell.length_a   1.00
_cell.length_b   1.00
_cell.length_c   1.00
_cell.angle_alpha   90.00
_cell.angle_beta   90.00
_cell.angle_gamma   90.00
#
_symmetry.space_group_name_H-M   'P 1'
#
_entity_poly.entity_id   1
_entity_poly.type   'polypeptide(L)'
_entity_poly.pdbx_seq_one_letter_code
;MPEGADPVAEVKTALAGFLKEVKGFQDDVKTRLQQQEERVTMLQTKTYAGRHALAAAATEEAPHQKAFAAYLRTGDDDGL
RGLSLEGKALNSAVAAEGGYLVDPQTSETIRGVLRSTASLRQIASVVNVEATSFDVLVDKTDMGSGWASETAALSETATP
QIDRITIPLHELAAMPKASQRLLDDSAFDIETWLANRIADKFARAEAAAFISGDGVDKPTGFLTKTKVANGAWAWGSLGY
VATGAAGDFAAVNASDAVVDLVYALGAEYRANASFVMNSKTAGAVRKMKDADGRFLWADSLAAGEPARLMGYPVLIAEDM
PDIAANAYAIAFGDFGNGYTIAERPDLRVLRDPFSAKPHVLFYASKRVGGDVSDFAAIKLLKFAAS
;
_entity_poly.pdbx_strand_id   B,C,A
#
# COMPACT_ATOMS: atom_id res chain seq x y z
N ALA A 89 35.60 -34.28 66.66
CA ALA A 89 35.81 -32.96 67.24
C ALA A 89 37.22 -32.47 66.99
N LEU A 90 38.18 -33.39 66.97
CA LEU A 90 39.59 -33.03 66.81
C LEU A 90 39.90 -32.86 65.32
N ASN A 91 39.21 -31.92 64.72
CA ASN A 91 39.68 -31.18 63.55
C ASN A 91 38.67 -30.09 63.25
N SER A 92 38.84 -29.46 62.10
CA SER A 92 37.79 -28.67 61.47
C SER A 92 37.59 -29.28 60.10
N ALA A 93 37.02 -28.51 59.18
CA ALA A 93 36.60 -29.02 57.88
C ALA A 93 37.79 -29.49 57.06
N VAL A 94 38.98 -29.51 57.66
CA VAL A 94 40.18 -29.96 56.96
C VAL A 94 40.09 -31.44 56.62
N ALA A 95 39.67 -32.27 57.57
CA ALA A 95 39.62 -33.70 57.31
C ALA A 95 38.18 -34.19 57.38
N ALA A 96 38.03 -35.52 57.32
CA ALA A 96 36.69 -36.10 57.27
C ALA A 96 36.03 -36.05 58.65
N GLU A 97 36.70 -36.58 59.66
CA GLU A 97 36.16 -36.58 61.01
C GLU A 97 36.17 -35.18 61.59
N GLY A 98 35.04 -34.77 62.15
CA GLY A 98 34.79 -33.37 62.42
C GLY A 98 34.33 -32.61 61.19
N GLY A 99 34.75 -33.08 60.02
CA GLY A 99 34.52 -32.33 58.80
C GLY A 99 33.26 -32.70 58.08
N TYR A 100 32.49 -33.63 58.64
CA TYR A 100 31.19 -33.98 58.11
C TYR A 100 30.07 -33.13 58.70
N LEU A 101 30.32 -32.45 59.81
CA LEU A 101 29.31 -31.65 60.47
C LEU A 101 29.36 -30.20 60.05
N VAL A 102 30.01 -29.91 58.92
CA VAL A 102 30.47 -28.56 58.63
C VAL A 102 29.72 -27.94 57.45
N ASP A 103 28.81 -28.68 56.81
CA ASP A 103 28.27 -28.43 55.49
C ASP A 103 28.02 -26.95 55.21
N PRO A 104 28.41 -26.46 54.04
CA PRO A 104 28.36 -25.02 53.77
C PRO A 104 26.92 -24.57 53.58
N GLN A 105 26.73 -23.27 53.71
CA GLN A 105 25.43 -22.65 53.46
C GLN A 105 25.43 -22.03 52.07
N THR A 106 24.38 -22.30 51.31
CA THR A 106 24.22 -21.74 49.99
C THR A 106 23.25 -20.55 50.04
N SER A 107 23.22 -19.79 48.95
CA SER A 107 22.31 -18.66 48.89
C SER A 107 20.89 -19.15 48.70
N GLU A 108 19.93 -18.26 48.95
CA GLU A 108 18.52 -18.62 48.84
C GLU A 108 18.06 -18.67 47.39
N THR A 109 18.75 -17.98 46.49
CA THR A 109 18.42 -17.97 45.08
C THR A 109 19.68 -18.26 44.29
N ILE A 110 19.50 -18.74 43.07
CA ILE A 110 20.62 -18.87 42.15
C ILE A 110 20.53 -17.73 41.15
N ARG A 111 21.68 -17.30 40.65
CA ARG A 111 21.73 -16.08 39.86
C ARG A 111 22.45 -16.35 38.53
N GLY A 112 22.47 -15.33 37.68
CA GLY A 112 23.08 -15.45 36.37
C GLY A 112 23.71 -14.16 35.93
N VAL A 113 24.51 -14.25 34.88
CA VAL A 113 25.07 -13.07 34.24
C VAL A 113 23.95 -12.28 33.58
N LEU A 114 23.84 -11.00 33.93
CA LEU A 114 22.79 -10.15 33.41
C LEU A 114 23.17 -9.62 32.04
N ARG A 115 22.18 -9.50 31.17
CA ARG A 115 22.40 -8.97 29.83
C ARG A 115 21.40 -7.85 29.53
N SER A 116 21.68 -7.11 28.46
CA SER A 116 20.94 -5.92 28.15
C SER A 116 19.59 -6.25 27.52
N THR A 117 18.56 -5.50 27.92
CA THR A 117 17.21 -5.69 27.42
C THR A 117 16.80 -4.61 26.42
N ALA A 118 17.71 -3.75 26.02
CA ALA A 118 17.45 -2.83 24.92
C ALA A 118 17.36 -3.61 23.62
N SER A 119 16.18 -3.61 23.00
CA SER A 119 15.89 -4.63 22.01
C SER A 119 15.20 -4.11 20.75
N LEU A 120 15.10 -2.79 20.59
CA LEU A 120 14.48 -2.14 19.44
C LEU A 120 12.98 -2.30 19.48
N ARG A 121 12.50 -3.17 20.36
CA ARG A 121 11.07 -3.30 20.58
C ARG A 121 10.53 -2.15 21.41
N GLN A 122 11.42 -1.43 22.08
CA GLN A 122 11.01 -0.25 22.83
C GLN A 122 10.49 0.84 21.90
N ILE A 123 11.01 0.92 20.69
CA ILE A 123 10.72 2.02 19.80
C ILE A 123 9.87 1.59 18.61
N ALA A 124 9.93 0.34 18.19
CA ALA A 124 9.30 -0.02 16.93
C ALA A 124 7.83 -0.33 17.14
N SER A 125 7.09 -0.34 16.04
CA SER A 125 5.66 -0.57 16.10
C SER A 125 5.40 -2.07 16.25
N VAL A 126 4.71 -2.44 17.31
CA VAL A 126 4.28 -3.82 17.49
C VAL A 126 2.80 -3.88 17.18
N VAL A 127 2.39 -4.98 16.56
CA VAL A 127 0.99 -5.19 16.24
C VAL A 127 0.56 -6.56 16.73
N ASN A 128 -0.65 -6.63 17.28
CA ASN A 128 -1.26 -7.91 17.56
C ASN A 128 -1.71 -8.52 16.23
N VAL A 129 -1.38 -9.77 16.00
CA VAL A 129 -1.75 -10.46 14.78
C VAL A 129 -2.17 -11.87 15.12
N GLU A 130 -3.29 -12.31 14.55
CA GLU A 130 -3.74 -13.69 14.64
C GLU A 130 -3.96 -14.17 13.22
N ALA A 131 -2.88 -14.60 12.60
CA ALA A 131 -2.85 -15.14 11.25
C ALA A 131 -1.48 -15.80 11.12
N THR A 132 -1.23 -16.40 9.96
CA THR A 132 0.11 -16.90 9.75
C THR A 132 1.04 -15.80 9.31
N SER A 133 0.49 -14.64 8.93
CA SER A 133 1.29 -13.61 8.32
C SER A 133 0.58 -12.28 8.53
N PHE A 134 1.37 -11.21 8.44
CA PHE A 134 0.85 -9.87 8.57
C PHE A 134 1.26 -9.07 7.34
N ASP A 135 0.39 -8.19 6.89
CA ASP A 135 0.68 -7.35 5.75
C ASP A 135 0.49 -5.89 6.11
N VAL A 136 1.10 -5.03 5.29
CA VAL A 136 0.92 -3.60 5.37
C VAL A 136 0.66 -3.09 3.96
N LEU A 137 0.08 -1.90 3.88
CA LEU A 137 -0.12 -1.24 2.60
C LEU A 137 0.39 0.20 2.67
N VAL A 138 1.31 0.54 1.78
CA VAL A 138 1.99 1.81 1.81
C VAL A 138 1.92 2.47 0.44
N ASP A 139 2.12 3.77 0.41
CA ASP A 139 2.07 4.57 -0.82
C ASP A 139 3.50 4.86 -1.24
N LYS A 140 4.02 4.09 -2.18
CA LYS A 140 5.40 4.30 -2.59
C LYS A 140 5.57 5.47 -3.55
N THR A 141 4.48 6.01 -4.09
CA THR A 141 4.52 7.26 -4.82
C THR A 141 3.46 8.21 -4.29
N ASP A 142 3.29 9.35 -4.96
CA ASP A 142 2.22 10.28 -4.60
C ASP A 142 1.39 10.62 -5.83
N MET A 143 0.52 11.60 -5.71
CA MET A 143 -0.44 11.90 -6.76
C MET A 143 0.17 12.81 -7.82
N GLY A 144 -0.67 13.35 -8.68
CA GLY A 144 -0.23 14.33 -9.64
C GLY A 144 -1.18 15.52 -9.67
N SER A 145 -0.62 16.70 -9.90
CA SER A 145 -1.38 17.92 -10.05
C SER A 145 -0.97 18.63 -11.33
N GLY A 146 -1.94 19.25 -11.98
CA GLY A 146 -1.77 19.68 -13.35
C GLY A 146 -1.65 21.17 -13.56
N TRP A 147 -2.17 21.97 -12.63
CA TRP A 147 -2.37 23.40 -12.84
C TRP A 147 -3.20 23.61 -14.11
N ALA A 148 -4.44 23.16 -14.03
CA ALA A 148 -5.29 23.09 -15.20
C ALA A 148 -5.61 24.48 -15.71
N SER A 149 -5.47 24.66 -17.02
CA SER A 149 -5.76 25.93 -17.66
C SER A 149 -7.27 26.09 -17.79
N GLU A 150 -7.72 27.09 -18.54
CA GLU A 150 -9.14 27.36 -18.62
C GLU A 150 -9.84 26.37 -19.55
N THR A 151 -9.42 26.32 -20.80
CA THR A 151 -10.06 25.47 -21.80
C THR A 151 -9.10 24.30 -22.04
N ALA A 152 -9.21 23.30 -21.18
CA ALA A 152 -8.30 22.17 -21.22
C ALA A 152 -9.04 20.85 -21.26
N ALA A 153 -10.22 20.80 -20.65
CA ALA A 153 -10.92 19.54 -20.41
C ALA A 153 -9.97 18.55 -19.74
N LEU A 154 -9.65 18.87 -18.49
CA LEU A 154 -8.48 18.36 -17.81
C LEU A 154 -8.44 16.85 -17.82
N SER A 155 -7.34 16.32 -18.38
CA SER A 155 -7.13 14.89 -18.44
C SER A 155 -6.83 14.34 -17.03
N GLU A 156 -6.86 13.02 -16.92
CA GLU A 156 -6.62 12.40 -15.63
C GLU A 156 -5.19 12.62 -15.18
N THR A 157 -5.01 12.65 -13.87
CA THR A 157 -3.69 12.76 -13.29
C THR A 157 -3.15 11.39 -12.92
N ALA A 158 -1.97 11.38 -12.33
CA ALA A 158 -1.35 10.15 -11.89
C ALA A 158 -2.10 9.55 -10.71
N THR A 159 -1.81 8.28 -10.45
CA THR A 159 -2.45 7.51 -9.41
C THR A 159 -1.38 6.96 -8.47
N PRO A 160 -1.53 7.14 -7.16
CA PRO A 160 -0.50 6.65 -6.24
C PRO A 160 -0.46 5.12 -6.23
N GLN A 161 0.67 4.56 -6.63
CA GLN A 161 0.80 3.13 -6.76
C GLN A 161 1.20 2.53 -5.41
N ILE A 162 0.62 1.39 -5.09
CA ILE A 162 0.60 0.86 -3.73
C ILE A 162 1.33 -0.47 -3.67
N ASP A 163 2.17 -0.63 -2.64
CA ASP A 163 2.96 -1.84 -2.46
C ASP A 163 2.62 -2.50 -1.14
N ARG A 164 2.73 -3.83 -1.11
CA ARG A 164 2.46 -4.65 0.07
C ARG A 164 3.72 -5.31 0.59
N ILE A 165 3.96 -5.20 1.89
CA ILE A 165 5.09 -5.83 2.56
C ILE A 165 4.56 -6.91 3.48
N THR A 166 5.11 -8.11 3.38
CA THR A 166 4.62 -9.26 4.12
C THR A 166 5.44 -9.48 5.39
N ILE A 167 4.76 -9.71 6.50
CA ILE A 167 5.39 -10.17 7.73
C ILE A 167 5.20 -11.67 7.85
N PRO A 168 6.26 -12.47 7.84
CA PRO A 168 6.08 -13.92 7.89
C PRO A 168 5.56 -14.46 9.22
N LEU A 169 5.85 -13.78 10.33
CA LEU A 169 5.38 -14.18 11.66
C LEU A 169 5.83 -15.61 12.00
N HIS A 170 7.13 -15.73 12.22
CA HIS A 170 7.69 -17.00 12.64
C HIS A 170 7.38 -17.24 14.12
N GLU A 171 7.73 -18.43 14.59
CA GLU A 171 7.61 -18.75 16.01
C GLU A 171 8.99 -18.94 16.62
N LEU A 172 9.04 -18.81 17.94
CA LEU A 172 10.26 -18.98 18.71
C LEU A 172 9.97 -19.94 19.84
N ALA A 173 10.67 -21.07 19.85
CA ALA A 173 10.36 -22.15 20.79
C ALA A 173 11.62 -22.63 21.48
N ALA A 174 11.54 -22.82 22.78
CA ALA A 174 12.59 -23.45 23.57
C ALA A 174 12.02 -24.68 24.27
N MET A 175 12.73 -25.80 24.17
CA MET A 175 12.33 -27.05 24.79
C MET A 175 13.51 -27.63 25.56
N PRO A 176 13.70 -27.23 26.81
CA PRO A 176 14.66 -27.92 27.66
C PRO A 176 14.08 -29.23 28.18
N LYS A 177 14.97 -30.12 28.59
CA LYS A 177 14.58 -31.35 29.25
C LYS A 177 15.13 -31.35 30.66
N ALA A 178 14.30 -31.77 31.60
CA ALA A 178 14.70 -31.82 33.00
C ALA A 178 14.44 -33.21 33.55
N SER A 179 15.11 -33.53 34.66
CA SER A 179 14.83 -34.77 35.35
C SER A 179 13.64 -34.59 36.27
N GLN A 180 12.95 -35.70 36.54
CA GLN A 180 11.84 -35.64 37.47
C GLN A 180 12.32 -35.69 38.91
N ARG A 181 13.27 -36.55 39.22
CA ARG A 181 13.75 -36.59 40.59
C ARG A 181 14.63 -35.41 40.95
N LEU A 182 15.07 -34.64 39.96
CA LEU A 182 15.73 -33.38 40.26
C LEU A 182 14.72 -32.31 40.65
N LEU A 183 13.63 -32.23 39.90
CA LEU A 183 12.73 -31.09 40.02
C LEU A 183 11.93 -31.13 41.31
N ASP A 184 11.85 -32.30 41.94
CA ASP A 184 10.98 -32.49 43.09
C ASP A 184 11.62 -32.07 44.40
N ASP A 185 12.93 -32.25 44.52
CA ASP A 185 13.61 -32.25 45.80
C ASP A 185 14.66 -31.15 45.93
N SER A 186 15.12 -30.58 44.83
CA SER A 186 16.01 -29.43 44.92
C SER A 186 15.27 -28.24 45.54
N ALA A 187 15.96 -27.54 46.43
CA ALA A 187 15.30 -26.51 47.22
C ALA A 187 14.89 -25.31 46.39
N PHE A 188 15.53 -25.10 45.26
CA PHE A 188 15.28 -23.94 44.43
C PHE A 188 14.16 -24.25 43.44
N ASP A 189 13.37 -23.22 43.13
CA ASP A 189 12.17 -23.41 42.34
C ASP A 189 12.55 -23.44 40.86
N ILE A 190 12.90 -24.63 40.39
CA ILE A 190 13.42 -24.76 39.04
C ILE A 190 12.33 -24.52 38.01
N GLU A 191 11.09 -24.89 38.33
CA GLU A 191 10.01 -24.69 37.37
C GLU A 191 9.78 -23.21 37.09
N THR A 192 9.93 -22.36 38.11
CA THR A 192 9.84 -20.93 37.87
C THR A 192 11.17 -20.30 37.53
N TRP A 193 12.28 -20.92 37.94
CA TRP A 193 13.57 -20.44 37.47
C TRP A 193 13.72 -20.67 35.97
N LEU A 194 13.29 -21.83 35.48
CA LEU A 194 13.29 -22.03 34.04
C LEU A 194 12.28 -21.14 33.37
N ALA A 195 11.20 -20.78 34.07
CA ALA A 195 10.30 -19.76 33.55
C ALA A 195 10.99 -18.40 33.45
N ASN A 196 11.95 -18.14 34.33
CA ASN A 196 12.67 -16.88 34.27
C ASN A 196 13.69 -16.86 33.15
N ARG A 197 14.54 -17.89 33.07
CA ARG A 197 15.65 -17.85 32.13
C ARG A 197 15.18 -18.03 30.70
N ILE A 198 14.05 -18.69 30.49
CA ILE A 198 13.50 -18.79 29.15
C ILE A 198 13.00 -17.43 28.68
N ALA A 199 12.22 -16.75 29.52
CA ALA A 199 11.65 -15.47 29.11
C ALA A 199 12.69 -14.39 28.93
N ASP A 200 13.87 -14.54 29.54
CA ASP A 200 14.95 -13.61 29.25
C ASP A 200 15.71 -14.01 27.98
N LYS A 201 15.72 -15.29 27.64
CA LYS A 201 16.38 -15.67 26.40
C LYS A 201 15.52 -15.31 25.18
N PHE A 202 14.20 -15.41 25.31
CA PHE A 202 13.35 -15.09 24.18
C PHE A 202 13.41 -13.61 23.83
N ALA A 203 13.31 -12.74 24.83
CA ALA A 203 13.36 -11.31 24.55
C ALA A 203 14.73 -10.88 24.08
N ARG A 204 15.76 -11.65 24.38
CA ARG A 204 17.10 -11.37 23.87
C ARG A 204 17.34 -11.98 22.50
N ALA A 205 16.72 -13.13 22.20
CA ALA A 205 16.93 -13.73 20.89
C ALA A 205 16.18 -12.99 19.80
N GLU A 206 15.04 -12.37 20.13
CA GLU A 206 14.35 -11.61 19.10
C GLU A 206 14.99 -10.25 18.86
N ALA A 207 15.81 -9.77 19.78
CA ALA A 207 16.48 -8.49 19.56
C ALA A 207 17.54 -8.62 18.48
N ALA A 208 18.24 -9.76 18.44
CA ALA A 208 19.15 -10.01 17.35
C ALA A 208 18.41 -10.41 16.09
N ALA A 209 17.17 -10.87 16.23
CA ALA A 209 16.39 -11.22 15.06
C ALA A 209 15.93 -9.98 14.32
N PHE A 210 15.58 -8.92 15.04
CA PHE A 210 15.03 -7.75 14.39
C PHE A 210 16.09 -6.94 13.68
N ILE A 211 17.35 -7.13 14.04
CA ILE A 211 18.43 -6.28 13.56
C ILE A 211 19.23 -6.98 12.48
N SER A 212 19.69 -8.19 12.75
CA SER A 212 20.52 -8.90 11.79
C SER A 212 19.90 -10.23 11.40
N GLY A 213 18.59 -10.40 11.61
CA GLY A 213 17.94 -11.62 11.21
C GLY A 213 17.74 -11.68 9.71
N ASP A 214 17.82 -12.88 9.16
CA ASP A 214 17.49 -13.09 7.77
C ASP A 214 16.03 -13.52 7.68
N GLY A 215 15.61 -14.00 6.52
CA GLY A 215 14.22 -14.32 6.28
C GLY A 215 13.77 -15.68 6.77
N VAL A 216 14.63 -16.68 6.67
CA VAL A 216 14.22 -18.07 6.90
C VAL A 216 13.98 -18.31 8.38
N ASP A 217 12.76 -18.76 8.71
CA ASP A 217 12.36 -19.17 10.04
C ASP A 217 12.38 -18.05 11.05
N LYS A 218 12.80 -16.86 10.66
CA LYS A 218 13.02 -15.80 11.64
C LYS A 218 12.82 -14.47 10.93
N PRO A 219 12.49 -13.42 11.68
CA PRO A 219 12.20 -12.13 11.05
C PRO A 219 13.44 -11.59 10.37
N THR A 220 13.22 -10.88 9.27
CA THR A 220 14.35 -10.33 8.52
C THR A 220 14.82 -9.08 9.23
N GLY A 221 16.09 -9.08 9.62
CA GLY A 221 16.64 -7.89 10.25
C GLY A 221 16.70 -6.73 9.29
N PHE A 222 16.57 -5.53 9.85
CA PHE A 222 16.52 -4.36 9.01
C PHE A 222 17.88 -4.02 8.42
N LEU A 223 18.95 -4.60 8.94
CA LEU A 223 20.25 -4.41 8.31
C LEU A 223 20.39 -5.22 7.03
N THR A 224 19.66 -6.32 6.91
CA THR A 224 19.76 -7.15 5.71
C THR A 224 18.62 -6.84 4.75
N LYS A 225 18.65 -5.61 4.24
CA LYS A 225 17.64 -5.11 3.32
C LYS A 225 18.30 -4.54 2.09
N THR A 226 19.39 -5.18 1.65
CA THR A 226 20.11 -4.87 0.42
C THR A 226 20.28 -3.35 0.24
N LYS A 227 21.06 -2.74 1.11
CA LYS A 227 21.10 -1.29 1.18
C LYS A 227 21.68 -0.69 -0.09
N VAL A 228 21.13 0.44 -0.51
CA VAL A 228 21.59 1.18 -1.68
C VAL A 228 21.96 2.59 -1.22
N ALA A 229 23.04 3.11 -1.79
CA ALA A 229 23.57 4.39 -1.33
C ALA A 229 22.53 5.50 -1.43
N ASN A 230 22.48 6.33 -0.40
CA ASN A 230 21.51 7.40 -0.33
C ASN A 230 21.83 8.47 -1.35
N GLY A 231 20.80 9.21 -1.76
CA GLY A 231 20.86 10.07 -2.93
C GLY A 231 20.42 9.39 -4.19
N ALA A 232 20.86 8.15 -4.40
CA ALA A 232 20.33 7.30 -5.47
C ALA A 232 19.28 6.35 -4.93
N TRP A 233 18.50 6.83 -3.97
CA TRP A 233 17.63 5.97 -3.20
C TRP A 233 16.39 5.56 -3.99
N ALA A 234 15.97 4.32 -3.81
CA ALA A 234 14.70 3.81 -4.30
C ALA A 234 13.98 3.07 -3.18
N TRP A 235 12.73 2.70 -3.44
CA TRP A 235 11.89 2.12 -2.41
C TRP A 235 12.32 0.72 -2.00
N GLY A 236 13.03 0.00 -2.85
CA GLY A 236 13.29 -1.38 -2.52
C GLY A 236 14.32 -1.62 -1.45
N SER A 237 14.99 -0.58 -0.94
CA SER A 237 16.11 -0.77 -0.04
C SER A 237 16.07 0.30 1.03
N LEU A 238 17.12 0.32 1.84
CA LEU A 238 17.35 1.36 2.83
C LEU A 238 18.60 2.12 2.44
N GLY A 239 18.57 3.42 2.66
CA GLY A 239 19.68 4.26 2.27
C GLY A 239 20.72 4.38 3.38
N TYR A 240 21.96 4.54 2.98
CA TYR A 240 23.03 4.79 3.93
C TYR A 240 23.83 6.01 3.48
N VAL A 241 24.40 6.70 4.45
CA VAL A 241 25.33 7.79 4.16
C VAL A 241 26.73 7.32 4.51
N ALA A 242 27.69 7.77 3.72
CA ALA A 242 29.05 7.31 3.87
C ALA A 242 29.73 8.04 5.01
N THR A 243 30.78 7.43 5.53
CA THR A 243 31.57 8.10 6.56
C THR A 243 32.84 8.71 5.99
N GLY A 244 33.54 8.01 5.12
CA GLY A 244 34.88 8.39 4.79
C GLY A 244 35.82 7.21 4.77
N ALA A 245 36.77 7.21 5.71
CA ALA A 245 37.76 6.15 5.77
C ALA A 245 37.09 4.81 6.01
N ALA A 246 37.79 3.75 5.59
CA ALA A 246 37.18 2.43 5.57
C ALA A 246 37.05 1.87 6.99
N GLY A 247 38.12 1.96 7.78
CA GLY A 247 38.13 1.30 9.06
C GLY A 247 37.26 1.99 10.10
N ASP A 248 37.23 3.32 10.07
CA ASP A 248 36.66 4.08 11.17
C ASP A 248 35.97 5.31 10.60
N PHE A 249 35.74 6.30 11.45
CA PHE A 249 35.27 7.59 11.01
C PHE A 249 36.28 8.26 10.07
N ALA A 250 35.80 9.29 9.39
CA ALA A 250 36.63 10.13 8.55
C ALA A 250 37.61 10.89 9.43
N ALA A 251 38.91 10.74 9.16
CA ALA A 251 39.89 11.32 10.06
C ALA A 251 40.01 12.83 9.88
N VAL A 252 39.80 13.33 8.66
CA VAL A 252 39.99 14.75 8.43
C VAL A 252 38.85 15.57 9.01
N ASN A 253 37.69 14.96 9.20
CA ASN A 253 36.59 15.61 9.90
C ASN A 253 35.72 14.51 10.48
N ALA A 254 35.80 14.32 11.79
CA ALA A 254 34.92 13.37 12.42
C ALA A 254 33.56 13.99 12.70
N SER A 255 32.57 13.11 12.87
CA SER A 255 31.25 13.45 13.39
C SER A 255 30.44 14.32 12.45
N ASP A 256 31.02 14.80 11.36
CA ASP A 256 30.16 15.37 10.34
C ASP A 256 29.48 14.28 9.55
N ALA A 257 30.03 13.07 9.58
CA ALA A 257 29.34 11.90 9.07
C ALA A 257 28.19 11.50 9.96
N VAL A 258 28.09 12.08 11.15
CA VAL A 258 26.89 11.90 11.96
C VAL A 258 25.85 12.94 11.60
N VAL A 259 26.28 14.20 11.41
CA VAL A 259 25.28 15.25 11.29
C VAL A 259 24.65 15.24 9.91
N ASP A 260 25.33 14.70 8.90
CA ASP A 260 24.68 14.54 7.62
C ASP A 260 23.74 13.34 7.63
N LEU A 261 23.98 12.39 8.52
CA LEU A 261 23.07 11.26 8.64
C LEU A 261 21.73 11.70 9.19
N VAL A 262 21.72 12.66 10.10
CA VAL A 262 20.47 13.12 10.67
C VAL A 262 19.63 13.82 9.62
N TYR A 263 20.24 14.72 8.86
CA TYR A 263 19.50 15.45 7.85
C TYR A 263 19.24 14.64 6.59
N ALA A 264 19.89 13.50 6.43
CA ALA A 264 19.57 12.63 5.31
C ALA A 264 18.35 11.77 5.58
N LEU A 265 17.81 11.82 6.79
CA LEU A 265 16.66 10.99 7.16
C LEU A 265 15.35 11.56 6.66
N GLY A 266 15.31 12.82 6.24
CA GLY A 266 14.03 13.40 5.87
C GLY A 266 13.41 14.09 7.06
N ALA A 267 12.85 15.28 6.83
CA ALA A 267 12.54 16.17 7.95
C ALA A 267 11.34 15.69 8.75
N GLU A 268 10.48 14.86 8.16
CA GLU A 268 9.25 14.53 8.88
C GLU A 268 9.41 13.39 9.86
N TYR A 269 10.20 12.38 9.52
CA TYR A 269 10.38 11.31 10.49
C TYR A 269 11.24 11.76 11.66
N ARG A 270 11.93 12.88 11.54
CA ARG A 270 12.79 13.37 12.61
C ARG A 270 12.04 13.95 13.74
N ALA A 271 10.72 13.84 13.82
CA ALA A 271 10.03 14.23 15.05
C ALA A 271 10.34 13.26 16.17
N ASN A 272 10.30 11.97 15.89
CA ASN A 272 10.63 10.95 16.88
C ASN A 272 11.49 9.89 16.20
N ALA A 273 12.79 10.14 16.15
CA ALA A 273 13.73 9.18 15.60
C ALA A 273 14.84 8.96 16.60
N SER A 274 15.39 7.75 16.60
CA SER A 274 16.33 7.35 17.62
C SER A 274 17.52 6.67 16.98
N PHE A 275 18.68 6.87 17.58
CA PHE A 275 19.88 6.20 17.12
C PHE A 275 19.95 4.81 17.69
N VAL A 276 20.32 3.86 16.84
CA VAL A 276 20.41 2.46 17.22
C VAL A 276 21.84 2.01 16.99
N MET A 277 22.52 1.64 18.06
CA MET A 277 23.91 1.22 18.01
C MET A 277 24.11 0.09 19.01
N ASN A 278 25.24 -0.58 18.88
CA ASN A 278 25.71 -1.47 19.93
C ASN A 278 26.47 -0.63 20.95
N SER A 279 27.12 -1.28 21.90
CA SER A 279 27.74 -0.53 22.98
C SER A 279 29.02 0.14 22.52
N LYS A 280 29.91 -0.64 21.91
CA LYS A 280 31.26 -0.16 21.62
C LYS A 280 31.32 0.75 20.40
N THR A 281 30.21 0.97 19.71
CA THR A 281 30.17 2.09 18.78
C THR A 281 30.06 3.40 19.54
N ALA A 282 29.19 3.44 20.54
CA ALA A 282 29.02 4.63 21.35
C ALA A 282 30.26 4.97 22.14
N GLY A 283 31.14 3.99 22.37
CA GLY A 283 32.48 4.32 22.83
C GLY A 283 33.26 5.12 21.81
N ALA A 284 33.28 4.67 20.57
CA ALA A 284 34.00 5.42 19.54
C ALA A 284 33.29 6.71 19.17
N VAL A 285 31.99 6.79 19.40
CA VAL A 285 31.29 8.06 19.27
C VAL A 285 31.81 9.05 20.30
N ARG A 286 31.91 8.62 21.55
CA ARG A 286 32.40 9.52 22.58
C ARG A 286 33.88 9.82 22.42
N LYS A 287 34.62 8.92 21.80
CA LYS A 287 36.03 9.19 21.52
C LYS A 287 36.22 10.23 20.43
N MET A 288 35.16 10.64 19.76
CA MET A 288 35.26 11.72 18.78
C MET A 288 35.55 13.02 19.50
N LYS A 289 36.76 13.54 19.32
CA LYS A 289 37.18 14.77 19.96
C LYS A 289 37.67 15.74 18.90
N ASP A 290 37.79 17.00 19.30
CA ASP A 290 38.10 18.07 18.36
C ASP A 290 39.58 18.07 18.02
N ALA A 291 40.05 19.15 17.41
CA ALA A 291 41.48 19.26 17.14
C ALA A 291 42.25 19.55 18.42
N ASP A 292 41.65 20.25 19.37
CA ASP A 292 42.31 20.53 20.63
C ASP A 292 42.35 19.32 21.54
N GLY A 293 41.50 18.33 21.31
CA GLY A 293 41.45 17.15 22.13
C GLY A 293 40.32 17.13 23.12
N ARG A 294 39.35 18.03 22.98
CA ARG A 294 38.20 18.09 23.85
C ARG A 294 37.03 17.36 23.21
N PHE A 295 36.16 16.80 24.03
CA PHE A 295 35.13 15.92 23.52
C PHE A 295 34.08 16.71 22.76
N LEU A 296 33.67 16.16 21.60
CA LEU A 296 32.54 16.75 20.89
C LEU A 296 31.25 16.54 21.66
N TRP A 297 31.06 15.36 22.21
CA TRP A 297 29.80 14.96 22.83
C TRP A 297 30.02 14.69 24.31
N ALA A 298 29.24 15.36 25.15
CA ALA A 298 29.43 15.34 26.60
C ALA A 298 30.83 15.84 26.97
N ASP A 299 30.98 17.17 26.84
CA ASP A 299 32.30 17.77 26.76
C ASP A 299 33.18 17.45 27.96
N SER A 300 32.61 17.47 29.16
CA SER A 300 33.41 17.12 30.33
C SER A 300 33.67 15.62 30.37
N LEU A 301 34.83 15.26 30.92
CA LEU A 301 35.10 13.82 31.05
C LEU A 301 34.21 13.23 32.11
N ALA A 302 33.86 14.01 33.13
CA ALA A 302 32.81 13.64 34.04
C ALA A 302 31.45 13.72 33.34
N ALA A 303 30.43 13.16 33.99
CA ALA A 303 29.04 13.21 33.53
C ALA A 303 28.89 12.60 32.14
N GLY A 304 29.15 11.30 32.07
CA GLY A 304 29.02 10.58 30.82
C GLY A 304 27.59 10.18 30.51
N GLU A 305 27.40 9.67 29.28
CA GLU A 305 26.10 9.28 28.74
C GLU A 305 25.08 10.39 28.84
N PRO A 306 25.13 11.40 27.98
CA PRO A 306 24.18 12.51 28.08
C PRO A 306 22.77 12.21 27.57
N ALA A 307 22.54 11.02 27.02
CA ALA A 307 21.20 10.50 26.73
C ALA A 307 20.44 11.36 25.73
N ARG A 308 21.15 12.14 24.92
CA ARG A 308 20.51 12.97 23.91
C ARG A 308 21.57 13.23 22.84
N LEU A 309 21.51 12.53 21.73
CA LEU A 309 22.44 12.75 20.64
C LEU A 309 21.75 13.55 19.55
N MET A 310 22.37 14.67 19.18
CA MET A 310 21.87 15.54 18.13
C MET A 310 20.47 16.04 18.43
N GLY A 311 20.15 16.12 19.72
CA GLY A 311 18.78 16.37 20.12
C GLY A 311 17.85 15.21 19.83
N TYR A 312 18.37 13.99 19.77
CA TYR A 312 17.52 12.85 19.53
C TYR A 312 17.86 11.73 20.49
N PRO A 313 16.90 10.86 20.80
CA PRO A 313 17.18 9.75 21.70
C PRO A 313 18.16 8.75 21.12
N VAL A 314 18.81 8.02 22.01
CA VAL A 314 19.84 7.05 21.67
C VAL A 314 19.40 5.70 22.22
N LEU A 315 19.42 4.69 21.37
CA LEU A 315 19.15 3.32 21.78
C LEU A 315 20.40 2.50 21.62
N ILE A 316 20.79 1.79 22.68
CA ILE A 316 21.99 0.96 22.63
C ILE A 316 21.59 -0.50 22.54
N ALA A 317 21.48 -1.00 21.31
CA ALA A 317 21.10 -2.39 21.06
C ALA A 317 22.36 -3.14 20.62
N GLU A 318 22.86 -4.01 21.50
CA GLU A 318 24.19 -4.58 21.33
C GLU A 318 24.30 -5.52 20.16
N ASP A 319 23.21 -5.80 19.44
CA ASP A 319 23.26 -6.78 18.38
C ASP A 319 23.64 -6.16 17.03
N MET A 320 24.00 -4.93 17.01
CA MET A 320 24.51 -4.40 15.75
C MET A 320 26.02 -4.58 15.69
N PRO A 321 26.59 -4.78 14.51
CA PRO A 321 28.03 -4.97 14.43
C PRO A 321 28.78 -3.67 14.67
N ASP A 322 29.96 -3.80 15.28
CA ASP A 322 30.81 -2.67 15.58
C ASP A 322 31.53 -2.20 14.33
N ILE A 323 32.39 -1.19 14.48
CA ILE A 323 32.93 -0.50 13.33
C ILE A 323 33.96 -1.39 12.64
N ALA A 324 33.79 -1.59 11.35
CA ALA A 324 34.64 -2.48 10.57
C ALA A 324 34.72 -1.92 9.15
N ALA A 325 35.10 -2.74 8.19
CA ALA A 325 35.27 -2.27 6.83
C ALA A 325 33.95 -1.85 6.21
N ASN A 326 32.96 -2.74 6.22
CA ASN A 326 31.64 -2.44 5.67
C ASN A 326 30.55 -2.78 6.68
N ALA A 327 30.70 -2.29 7.90
CA ALA A 327 29.71 -2.54 8.92
C ALA A 327 28.73 -1.38 8.93
N TYR A 328 27.45 -1.71 9.13
CA TYR A 328 26.39 -0.70 9.17
C TYR A 328 26.04 -0.41 10.63
N ALA A 329 26.97 0.26 11.31
CA ALA A 329 26.98 0.23 12.76
C ALA A 329 25.94 1.16 13.38
N ILE A 330 25.73 2.34 12.81
CA ILE A 330 24.87 3.34 13.41
C ILE A 330 23.58 3.41 12.61
N ALA A 331 22.45 3.22 13.28
CA ALA A 331 21.14 3.24 12.67
C ALA A 331 20.32 4.37 13.26
N PHE A 332 19.58 5.07 12.40
CA PHE A 332 18.79 6.22 12.81
C PHE A 332 17.54 6.27 11.97
N GLY A 333 16.39 6.49 12.60
CA GLY A 333 15.16 6.60 11.86
C GLY A 333 13.96 6.50 12.77
N ASP A 334 12.78 6.58 12.14
CA ASP A 334 11.51 6.54 12.86
C ASP A 334 11.01 5.10 12.85
N PHE A 335 11.41 4.35 13.85
CA PHE A 335 11.00 2.96 13.94
C PHE A 335 9.57 2.79 14.41
N GLY A 336 8.95 3.85 14.94
CA GLY A 336 7.53 3.82 15.20
C GLY A 336 6.73 3.75 13.92
N ASN A 337 7.27 4.31 12.84
CA ASN A 337 6.73 4.14 11.50
C ASN A 337 7.49 3.10 10.70
N GLY A 338 8.82 3.06 10.85
CA GLY A 338 9.65 2.34 9.89
C GLY A 338 9.67 0.84 10.03
N TYR A 339 9.59 0.32 11.25
CA TYR A 339 9.76 -1.11 11.48
C TYR A 339 8.49 -1.66 12.13
N THR A 340 7.95 -2.72 11.54
CA THR A 340 6.73 -3.32 12.05
C THR A 340 7.04 -4.69 12.66
N ILE A 341 6.79 -4.83 13.94
CA ILE A 341 6.90 -6.10 14.65
C ILE A 341 5.50 -6.70 14.79
N ALA A 342 5.33 -7.90 14.27
CA ALA A 342 4.10 -8.65 14.45
C ALA A 342 4.35 -9.74 15.48
N GLU A 343 3.49 -9.82 16.48
CA GLU A 343 3.68 -10.80 17.55
C GLU A 343 2.32 -11.33 17.99
N ARG A 344 2.36 -12.51 18.59
CA ARG A 344 1.21 -13.04 19.29
C ARG A 344 1.45 -12.88 20.78
N PRO A 345 0.71 -12.07 21.47
CA PRO A 345 1.11 -11.57 22.79
C PRO A 345 0.85 -12.57 23.91
N ASP A 346 1.35 -13.79 23.73
CA ASP A 346 1.34 -14.79 24.78
C ASP A 346 2.55 -15.68 24.62
N LEU A 347 3.02 -16.21 25.73
CA LEU A 347 4.09 -17.19 25.71
C LEU A 347 3.43 -18.49 26.11
N ARG A 348 3.16 -19.35 25.14
CA ARG A 348 2.44 -20.58 25.41
C ARG A 348 3.40 -21.62 25.97
N VAL A 349 2.99 -22.27 27.04
CA VAL A 349 3.86 -23.14 27.82
C VAL A 349 3.31 -24.55 27.78
N LEU A 350 4.19 -25.51 27.53
CA LEU A 350 3.82 -26.92 27.53
C LEU A 350 4.81 -27.70 28.38
N ARG A 351 4.30 -28.65 29.14
CA ARG A 351 5.14 -29.54 29.93
C ARG A 351 4.59 -30.96 29.85
N ASP A 352 5.47 -31.93 29.69
CA ASP A 352 4.95 -33.28 29.52
C ASP A 352 5.84 -34.34 30.14
N PRO A 353 5.42 -34.97 31.24
CA PRO A 353 6.05 -36.22 31.66
C PRO A 353 5.78 -37.35 30.72
N PHE A 354 4.86 -37.17 29.77
CA PHE A 354 4.37 -38.25 28.93
C PHE A 354 5.36 -38.67 27.86
N SER A 355 6.35 -37.83 27.55
CA SER A 355 7.27 -38.13 26.46
C SER A 355 8.35 -39.10 26.93
N ALA A 356 9.16 -38.69 27.89
CA ALA A 356 10.20 -39.54 28.46
C ALA A 356 9.93 -39.68 29.94
N LYS A 357 9.73 -40.91 30.40
CA LYS A 357 9.06 -41.13 31.68
C LYS A 357 9.77 -40.52 32.89
N PRO A 358 11.09 -40.48 33.00
CA PRO A 358 11.70 -39.73 34.10
C PRO A 358 11.90 -38.24 33.83
N HIS A 359 11.38 -37.70 32.73
CA HIS A 359 11.72 -36.36 32.33
C HIS A 359 10.47 -35.55 32.03
N VAL A 360 10.59 -34.23 32.19
CA VAL A 360 9.45 -33.34 32.11
C VAL A 360 9.39 -32.61 30.78
N LEU A 361 10.54 -32.20 30.25
CA LEU A 361 10.65 -31.74 28.87
C LEU A 361 9.75 -30.52 28.63
N PHE A 362 10.13 -29.44 29.29
CA PHE A 362 9.36 -28.20 29.22
C PHE A 362 9.37 -27.67 27.81
N TYR A 363 8.22 -27.17 27.35
CA TYR A 363 8.09 -26.60 26.02
C TYR A 363 7.50 -25.21 26.16
N ALA A 364 8.32 -24.19 25.97
CA ALA A 364 7.87 -22.81 26.05
C ALA A 364 8.12 -22.16 24.70
N SER A 365 7.13 -21.44 24.20
CA SER A 365 7.25 -20.88 22.86
C SER A 365 6.35 -19.67 22.71
N LYS A 366 6.78 -18.77 21.84
CA LYS A 366 5.91 -17.70 21.35
C LYS A 366 6.30 -17.45 19.91
N ARG A 367 5.47 -16.71 19.20
CA ARG A 367 5.68 -16.50 17.79
C ARG A 367 5.73 -15.00 17.49
N VAL A 368 6.65 -14.62 16.61
CA VAL A 368 6.91 -13.21 16.35
C VAL A 368 7.53 -13.10 14.96
N GLY A 369 7.30 -11.95 14.32
CA GLY A 369 7.86 -11.69 13.01
C GLY A 369 7.94 -10.21 12.75
N GLY A 370 8.81 -9.83 11.84
CA GLY A 370 8.85 -8.45 11.41
C GLY A 370 10.00 -8.06 10.52
N ASP A 371 9.79 -7.06 9.68
CA ASP A 371 10.86 -6.40 8.96
C ASP A 371 10.57 -4.91 8.95
N VAL A 372 11.26 -4.18 8.07
CA VAL A 372 10.95 -2.78 7.88
C VAL A 372 9.61 -2.65 7.19
N SER A 373 8.95 -1.50 7.38
CA SER A 373 7.64 -1.26 6.72
C SER A 373 7.64 0.11 6.02
N ASP A 374 8.68 0.93 6.24
CA ASP A 374 8.70 2.25 5.65
C ASP A 374 10.15 2.52 5.29
N PHE A 375 10.52 2.19 4.06
CA PHE A 375 11.93 2.21 3.66
C PHE A 375 12.53 3.60 3.77
N ALA A 376 11.72 4.63 3.57
CA ALA A 376 12.25 5.98 3.70
C ALA A 376 12.30 6.46 5.14
N ALA A 377 11.90 5.64 6.11
CA ALA A 377 11.87 6.04 7.50
C ALA A 377 13.09 5.59 8.30
N ILE A 378 14.01 4.85 7.69
CA ILE A 378 15.18 4.34 8.38
C ILE A 378 16.40 4.61 7.50
N LYS A 379 17.42 5.22 8.08
CA LYS A 379 18.66 5.45 7.36
C LYS A 379 19.83 4.88 8.14
N LEU A 380 20.86 4.47 7.42
CA LEU A 380 21.99 3.75 7.99
C LEU A 380 23.26 4.52 7.74
N LEU A 381 24.38 3.90 8.15
CA LEU A 381 25.70 4.52 8.08
C LEU A 381 26.68 3.44 7.66
N LYS A 382 27.24 3.56 6.47
CA LYS A 382 28.25 2.63 6.01
C LYS A 382 29.63 3.27 6.10
N PHE A 383 30.59 2.51 6.60
CA PHE A 383 31.94 3.00 6.81
C PHE A 383 32.84 2.81 5.60
N ALA A 384 32.28 2.73 4.41
CA ALA A 384 33.06 2.33 3.25
C ALA A 384 33.84 3.51 2.66
N ALA A 385 33.14 4.52 2.17
CA ALA A 385 33.77 5.57 1.39
C ALA A 385 33.50 6.94 1.98
N ALA B 89 -4.64 -29.94 8.83
CA ALA B 89 -3.74 -30.73 8.02
C ALA B 89 -2.30 -30.51 8.44
N LEU B 90 -1.39 -30.81 7.53
CA LEU B 90 0.04 -30.74 7.81
C LEU B 90 0.58 -29.32 7.76
N ASN B 91 1.89 -29.21 7.61
CA ASN B 91 2.65 -27.98 7.76
C ASN B 91 2.02 -26.79 7.03
N SER B 92 2.30 -25.61 7.54
CA SER B 92 1.92 -24.34 6.96
C SER B 92 2.95 -23.81 5.96
N ALA B 93 4.03 -24.56 5.72
CA ALA B 93 5.09 -24.10 4.84
C ALA B 93 4.70 -24.25 3.37
N VAL B 94 4.49 -25.47 2.93
CA VAL B 94 4.04 -25.71 1.56
C VAL B 94 2.53 -25.57 1.50
N ALA B 95 2.03 -24.96 0.43
CA ALA B 95 0.65 -24.49 0.40
C ALA B 95 -0.33 -25.65 0.32
N ALA B 96 -0.02 -26.66 -0.49
CA ALA B 96 -1.05 -27.62 -0.89
C ALA B 96 -1.49 -28.50 0.27
N GLU B 97 -0.71 -28.58 1.35
CA GLU B 97 -1.19 -29.32 2.50
C GLU B 97 -2.15 -28.49 3.33
N GLY B 98 -1.66 -27.38 3.88
CA GLY B 98 -2.50 -26.51 4.67
C GLY B 98 -2.14 -25.05 4.49
N GLY B 99 -1.24 -24.76 3.55
CA GLY B 99 -0.81 -23.39 3.36
C GLY B 99 -1.86 -22.52 2.71
N TYR B 100 -2.82 -23.13 2.01
CA TYR B 100 -3.98 -22.38 1.55
C TYR B 100 -4.94 -22.07 2.68
N LEU B 101 -4.93 -22.88 3.73
CA LEU B 101 -5.90 -22.70 4.80
C LEU B 101 -5.58 -21.50 5.68
N VAL B 102 -4.37 -21.00 5.62
CA VAL B 102 -4.00 -19.78 6.35
C VAL B 102 -4.02 -18.61 5.39
N ASP B 103 -4.46 -17.46 5.89
CA ASP B 103 -4.49 -16.24 5.13
C ASP B 103 -3.95 -15.13 6.04
N PRO B 104 -3.23 -14.17 5.48
CA PRO B 104 -2.67 -13.10 6.31
C PRO B 104 -3.74 -12.08 6.71
N GLN B 105 -3.45 -11.35 7.79
CA GLN B 105 -4.19 -10.12 8.04
C GLN B 105 -3.81 -9.07 7.01
N THR B 106 -4.79 -8.29 6.59
CA THR B 106 -4.52 -7.28 5.58
C THR B 106 -3.73 -6.13 6.19
N SER B 107 -4.40 -5.38 7.07
CA SER B 107 -3.81 -4.31 7.84
C SER B 107 -4.87 -3.74 8.78
N GLU B 108 -4.52 -2.75 9.58
CA GLU B 108 -5.56 -1.95 10.21
C GLU B 108 -6.03 -0.83 9.28
N THR B 109 -5.15 -0.32 8.44
CA THR B 109 -5.48 0.72 7.48
C THR B 109 -4.34 0.81 6.48
N ILE B 110 -4.55 1.64 5.48
CA ILE B 110 -3.50 1.94 4.50
C ILE B 110 -2.55 2.95 5.11
N ARG B 111 -1.26 2.70 4.92
CA ARG B 111 -0.21 3.66 5.35
C ARG B 111 0.36 4.36 4.11
N GLY B 112 1.23 5.34 4.33
CA GLY B 112 1.94 5.99 3.26
C GLY B 112 3.25 6.57 3.73
N VAL B 113 4.12 6.84 2.77
CA VAL B 113 5.37 7.53 3.09
C VAL B 113 5.04 8.94 3.54
N LEU B 114 5.79 9.44 4.50
CA LEU B 114 5.51 10.75 5.08
C LEU B 114 6.24 11.84 4.31
N ARG B 115 5.59 12.99 4.19
CA ARG B 115 6.12 14.09 3.39
C ARG B 115 6.23 15.35 4.23
N SER B 116 6.89 16.36 3.67
CA SER B 116 7.11 17.61 4.36
C SER B 116 5.86 18.47 4.35
N THR B 117 5.58 19.11 5.48
CA THR B 117 4.36 19.89 5.69
C THR B 117 4.60 21.39 5.59
N ALA B 118 5.70 21.88 6.15
CA ALA B 118 5.99 23.31 6.17
C ALA B 118 6.20 23.80 4.75
N SER B 119 5.37 24.75 4.32
CA SER B 119 5.20 25.01 2.90
C SER B 119 5.11 26.50 2.60
N LEU B 120 5.74 27.33 3.42
CA LEU B 120 5.79 28.77 3.21
C LEU B 120 4.42 29.41 3.41
N ARG B 121 3.40 28.59 3.61
CA ARG B 121 2.07 29.13 3.76
C ARG B 121 1.90 29.84 5.10
N GLN B 122 2.64 29.41 6.12
CA GLN B 122 2.48 30.00 7.43
C GLN B 122 3.33 31.23 7.66
N ILE B 123 4.26 31.55 6.77
CA ILE B 123 5.07 32.75 6.95
C ILE B 123 4.71 33.86 5.98
N ALA B 124 4.02 33.57 4.88
CA ALA B 124 3.67 34.61 3.93
C ALA B 124 2.34 35.25 4.31
N SER B 125 2.00 36.31 3.59
CA SER B 125 0.71 36.95 3.77
C SER B 125 -0.36 36.16 3.02
N VAL B 126 -1.30 35.59 3.76
CA VAL B 126 -2.40 34.83 3.18
C VAL B 126 -3.61 35.75 3.11
N VAL B 127 -4.07 36.05 1.91
CA VAL B 127 -5.15 37.01 1.70
C VAL B 127 -6.30 36.26 1.04
N ASN B 128 -7.46 36.28 1.70
CA ASN B 128 -8.66 35.68 1.15
C ASN B 128 -9.23 36.60 0.08
N VAL B 129 -9.30 36.10 -1.15
CA VAL B 129 -9.72 36.89 -2.29
C VAL B 129 -10.95 36.22 -2.90
N GLU B 130 -11.72 36.99 -3.64
CA GLU B 130 -12.95 36.48 -4.24
C GLU B 130 -12.99 36.59 -5.75
N ALA B 131 -12.53 37.69 -6.32
CA ALA B 131 -12.54 37.83 -7.77
C ALA B 131 -11.45 36.97 -8.38
N THR B 132 -11.36 37.01 -9.71
CA THR B 132 -10.41 36.13 -10.39
C THR B 132 -8.97 36.55 -10.19
N SER B 133 -8.74 37.74 -9.64
CA SER B 133 -7.38 38.21 -9.54
C SER B 133 -7.28 39.21 -8.40
N PHE B 134 -6.18 39.16 -7.68
CA PHE B 134 -5.90 40.10 -6.62
C PHE B 134 -4.86 41.10 -7.11
N ASP B 135 -5.07 42.36 -6.80
CA ASP B 135 -4.18 43.43 -7.25
C ASP B 135 -3.60 44.16 -6.06
N VAL B 136 -2.30 44.06 -5.89
CA VAL B 136 -1.58 44.93 -4.97
C VAL B 136 -1.26 46.23 -5.69
N LEU B 137 -1.16 47.30 -4.92
CA LEU B 137 -0.81 48.61 -5.45
C LEU B 137 0.42 49.10 -4.70
N VAL B 138 1.57 48.99 -5.32
CA VAL B 138 2.84 49.33 -4.70
C VAL B 138 3.49 50.43 -5.52
N ASP B 139 3.90 51.50 -4.85
CA ASP B 139 4.58 52.58 -5.52
C ASP B 139 6.02 52.21 -5.83
N LYS B 140 6.45 52.50 -7.05
CA LYS B 140 7.73 51.98 -7.51
C LYS B 140 8.91 52.75 -6.93
N THR B 141 8.80 54.07 -6.79
CA THR B 141 9.94 54.86 -6.37
C THR B 141 9.55 55.75 -5.19
N ASP B 142 10.54 56.46 -4.67
CA ASP B 142 10.36 57.28 -3.48
C ASP B 142 9.69 58.60 -3.84
N MET B 143 9.42 59.40 -2.81
CA MET B 143 8.89 60.74 -3.04
C MET B 143 9.91 61.63 -3.76
N GLY B 144 11.20 61.42 -3.49
CA GLY B 144 12.25 62.13 -4.18
C GLY B 144 12.27 63.61 -3.86
N SER B 145 12.14 63.96 -2.58
CA SER B 145 12.07 65.36 -2.20
C SER B 145 13.45 65.99 -2.31
N GLY B 146 13.62 66.88 -3.28
CA GLY B 146 14.76 67.77 -3.25
C GLY B 146 14.70 68.71 -2.06
N TRP B 147 15.86 69.24 -1.68
CA TRP B 147 15.97 69.79 -0.34
C TRP B 147 15.29 71.16 -0.23
N ALA B 148 15.92 72.20 -0.78
CA ALA B 148 15.42 73.56 -0.64
C ALA B 148 16.35 74.51 -1.39
N SER B 149 15.93 75.77 -1.43
CA SER B 149 16.81 76.90 -1.68
C SER B 149 16.12 78.13 -1.11
N GLU B 150 16.87 79.22 -0.99
CA GLU B 150 16.25 80.44 -0.47
C GLU B 150 15.58 81.26 -1.55
N THR B 151 16.33 81.69 -2.55
CA THR B 151 15.78 82.55 -3.60
C THR B 151 15.79 81.75 -4.90
N ALA B 152 14.74 80.97 -5.10
CA ALA B 152 14.62 80.09 -6.25
C ALA B 152 13.15 79.87 -6.53
N ALA B 153 12.87 78.99 -7.49
CA ALA B 153 11.49 78.70 -7.84
C ALA B 153 10.87 77.66 -6.90
N LEU B 154 11.67 76.74 -6.39
CA LEU B 154 11.18 75.62 -5.58
C LEU B 154 10.16 74.83 -6.38
N SER B 155 10.67 74.19 -7.43
CA SER B 155 9.82 73.60 -8.45
C SER B 155 9.21 72.27 -7.99
N GLU B 156 8.45 71.66 -8.89
CA GLU B 156 7.74 70.43 -8.58
C GLU B 156 8.73 69.31 -8.36
N THR B 157 8.68 68.66 -7.20
CA THR B 157 9.80 67.80 -6.83
C THR B 157 9.76 66.46 -7.55
N ALA B 158 8.78 65.62 -7.27
CA ALA B 158 8.68 64.31 -7.87
C ALA B 158 7.33 63.73 -7.48
N THR B 159 7.13 62.47 -7.80
CA THR B 159 5.89 61.79 -7.48
C THR B 159 6.16 60.29 -7.41
N PRO B 160 5.72 59.62 -6.37
CA PRO B 160 5.94 58.17 -6.32
C PRO B 160 5.13 57.48 -7.38
N GLN B 161 5.77 57.01 -8.43
CA GLN B 161 5.03 56.32 -9.47
C GLN B 161 4.59 54.96 -8.93
N ILE B 162 3.32 54.69 -9.04
CA ILE B 162 2.77 53.45 -8.51
C ILE B 162 2.81 52.39 -9.60
N ASP B 163 2.68 51.14 -9.17
CA ASP B 163 2.53 50.03 -10.10
C ASP B 163 1.59 49.00 -9.50
N ARG B 164 0.69 48.51 -10.32
CA ARG B 164 -0.23 47.44 -9.94
C ARG B 164 0.38 46.12 -10.35
N ILE B 165 0.59 45.23 -9.38
CA ILE B 165 0.99 43.86 -9.65
C ILE B 165 -0.23 42.98 -9.44
N THR B 166 -0.59 42.22 -10.47
CA THR B 166 -1.79 41.39 -10.44
C THR B 166 -1.43 40.00 -9.95
N ILE B 167 -2.17 39.54 -8.94
CA ILE B 167 -2.13 38.13 -8.57
C ILE B 167 -3.05 37.38 -9.53
N PRO B 168 -2.54 36.44 -10.31
CA PRO B 168 -3.40 35.79 -11.31
C PRO B 168 -4.44 34.88 -10.69
N LEU B 169 -4.15 34.25 -9.56
CA LEU B 169 -5.07 33.35 -8.89
C LEU B 169 -5.46 32.18 -9.82
N HIS B 170 -4.45 31.37 -10.10
CA HIS B 170 -4.67 30.17 -10.88
C HIS B 170 -5.45 29.16 -10.06
N GLU B 171 -5.88 28.08 -10.72
CA GLU B 171 -6.54 26.98 -10.04
C GLU B 171 -5.60 25.80 -9.94
N LEU B 172 -5.62 25.16 -8.78
CA LEU B 172 -4.85 23.95 -8.55
C LEU B 172 -5.82 22.78 -8.67
N ALA B 173 -5.64 21.97 -9.70
CA ALA B 173 -6.59 20.91 -10.02
C ALA B 173 -5.87 19.58 -10.16
N ALA B 174 -6.53 18.53 -9.65
CA ALA B 174 -6.02 17.17 -9.76
C ALA B 174 -7.19 16.23 -9.93
N MET B 175 -7.05 15.26 -10.83
CA MET B 175 -8.11 14.30 -11.13
C MET B 175 -7.55 12.90 -11.29
N PRO B 176 -7.56 12.09 -10.23
CA PRO B 176 -7.25 10.67 -10.38
C PRO B 176 -8.46 9.85 -10.77
N LYS B 177 -8.21 8.82 -11.58
CA LYS B 177 -9.25 7.94 -12.07
C LYS B 177 -9.27 6.64 -11.27
N ALA B 178 -10.45 6.21 -10.85
CA ALA B 178 -10.61 4.99 -10.07
C ALA B 178 -11.57 4.05 -10.77
N SER B 179 -11.15 2.79 -10.90
CA SER B 179 -12.01 1.78 -11.52
C SER B 179 -13.12 1.38 -10.56
N GLN B 180 -14.29 1.10 -11.11
CA GLN B 180 -15.46 0.89 -10.27
C GLN B 180 -15.40 -0.45 -9.54
N ARG B 181 -14.65 -1.42 -10.05
CA ARG B 181 -14.49 -2.65 -9.31
C ARG B 181 -13.73 -2.39 -8.01
N LEU B 182 -12.59 -1.72 -8.12
CA LEU B 182 -11.74 -1.53 -6.95
C LEU B 182 -12.42 -0.65 -5.91
N LEU B 183 -13.17 0.34 -6.35
CA LEU B 183 -13.88 1.19 -5.40
C LEU B 183 -15.00 0.44 -4.69
N ASP B 184 -15.57 -0.57 -5.34
CA ASP B 184 -16.67 -1.31 -4.72
C ASP B 184 -16.19 -2.33 -3.69
N ASP B 185 -15.19 -3.13 -4.03
CA ASP B 185 -14.93 -4.36 -3.29
C ASP B 185 -13.72 -4.31 -2.37
N SER B 186 -12.95 -3.23 -2.37
CA SER B 186 -11.83 -3.15 -1.46
C SER B 186 -12.32 -3.00 -0.03
N ALA B 187 -11.56 -3.56 0.91
CA ALA B 187 -11.89 -3.40 2.32
C ALA B 187 -11.64 -1.97 2.79
N PHE B 188 -10.67 -1.29 2.20
CA PHE B 188 -10.32 0.06 2.58
C PHE B 188 -11.20 1.04 1.83
N ASP B 189 -11.67 2.06 2.53
CA ASP B 189 -12.50 3.10 1.94
C ASP B 189 -11.62 4.01 1.09
N ILE B 190 -11.47 3.65 -0.19
CA ILE B 190 -10.66 4.44 -1.10
C ILE B 190 -11.33 5.76 -1.41
N GLU B 191 -12.65 5.80 -1.30
CA GLU B 191 -13.38 7.04 -1.55
C GLU B 191 -13.02 8.11 -0.54
N THR B 192 -12.77 7.72 0.71
CA THR B 192 -12.26 8.64 1.71
C THR B 192 -10.75 8.57 1.86
N TRP B 193 -10.09 7.61 1.21
CA TRP B 193 -8.64 7.59 1.25
C TRP B 193 -8.05 8.69 0.39
N LEU B 194 -8.63 8.91 -0.79
CA LEU B 194 -8.02 9.85 -1.72
C LEU B 194 -8.08 11.28 -1.20
N ALA B 195 -9.17 11.65 -0.54
CA ALA B 195 -9.29 13.01 -0.02
C ALA B 195 -8.25 13.33 1.03
N ASN B 196 -7.73 12.32 1.73
CA ASN B 196 -6.60 12.57 2.60
C ASN B 196 -5.31 12.73 1.82
N ARG B 197 -5.13 11.97 0.74
CA ARG B 197 -3.91 12.07 -0.02
C ARG B 197 -3.93 13.28 -0.95
N ILE B 198 -5.11 13.67 -1.44
CA ILE B 198 -5.20 14.82 -2.32
C ILE B 198 -4.80 16.09 -1.59
N ALA B 199 -5.35 16.31 -0.40
CA ALA B 199 -4.99 17.51 0.35
C ALA B 199 -3.52 17.48 0.76
N ASP B 200 -2.94 16.29 0.87
CA ASP B 200 -1.49 16.24 1.04
C ASP B 200 -0.78 16.66 -0.23
N LYS B 201 -1.38 16.41 -1.39
CA LYS B 201 -0.74 16.85 -2.61
C LYS B 201 -0.97 18.34 -2.86
N PHE B 202 -2.12 18.87 -2.49
CA PHE B 202 -2.39 20.28 -2.75
C PHE B 202 -1.56 21.18 -1.84
N ALA B 203 -1.32 20.75 -0.61
CA ALA B 203 -0.50 21.56 0.28
C ALA B 203 0.97 21.50 -0.09
N ARG B 204 1.38 20.49 -0.85
CA ARG B 204 2.78 20.29 -1.16
C ARG B 204 3.16 20.75 -2.56
N ALA B 205 2.27 20.63 -3.53
CA ALA B 205 2.59 21.12 -4.86
C ALA B 205 2.55 22.64 -4.93
N GLU B 206 1.81 23.28 -4.03
CA GLU B 206 1.78 24.73 -4.00
C GLU B 206 3.06 25.34 -3.45
N ALA B 207 3.88 24.55 -2.75
CA ALA B 207 5.13 25.08 -2.26
C ALA B 207 6.10 25.32 -3.40
N ALA B 208 6.22 24.36 -4.31
CA ALA B 208 7.09 24.57 -5.46
C ALA B 208 6.52 25.61 -6.40
N ALA B 209 5.22 25.83 -6.36
CA ALA B 209 4.68 26.98 -7.07
C ALA B 209 5.06 28.29 -6.40
N PHE B 210 4.97 28.34 -5.07
CA PHE B 210 5.31 29.57 -4.36
C PHE B 210 6.79 29.86 -4.41
N ILE B 211 7.63 28.85 -4.54
CA ILE B 211 9.07 29.02 -4.46
C ILE B 211 9.73 28.99 -5.82
N SER B 212 9.43 27.97 -6.61
CA SER B 212 10.09 27.81 -7.90
C SER B 212 9.09 27.74 -9.05
N GLY B 213 7.83 28.09 -8.82
CA GLY B 213 6.86 28.05 -9.88
C GLY B 213 7.06 29.18 -10.87
N ASP B 214 6.77 28.89 -12.13
CA ASP B 214 6.80 29.90 -13.17
C ASP B 214 5.39 30.48 -13.35
N GLY B 215 5.19 31.19 -14.45
CA GLY B 215 4.03 32.04 -14.59
C GLY B 215 2.79 31.35 -15.13
N VAL B 216 2.97 30.44 -16.09
CA VAL B 216 1.82 29.92 -16.84
C VAL B 216 1.05 28.94 -15.97
N ASP B 217 -0.25 29.20 -15.82
CA ASP B 217 -1.20 28.32 -15.17
C ASP B 217 -0.91 28.09 -13.69
N LYS B 218 0.11 28.74 -13.15
CA LYS B 218 0.50 28.48 -11.78
C LYS B 218 1.13 29.73 -11.20
N PRO B 219 1.09 29.92 -9.90
CA PRO B 219 1.67 31.13 -9.30
C PRO B 219 3.16 31.15 -9.51
N THR B 220 3.70 32.35 -9.62
CA THR B 220 5.12 32.49 -9.93
C THR B 220 5.90 32.47 -8.63
N GLY B 221 6.94 31.63 -8.58
CA GLY B 221 7.74 31.54 -7.38
C GLY B 221 8.64 32.74 -7.20
N PHE B 222 9.06 32.94 -5.95
CA PHE B 222 9.90 34.10 -5.66
C PHE B 222 11.35 33.88 -6.03
N LEU B 223 11.74 32.69 -6.46
CA LEU B 223 13.09 32.51 -6.98
C LEU B 223 13.18 32.85 -8.45
N THR B 224 12.08 32.79 -9.17
CA THR B 224 12.07 33.13 -10.59
C THR B 224 11.59 34.57 -10.76
N LYS B 225 12.32 35.49 -10.13
CA LYS B 225 12.00 36.91 -10.16
C LYS B 225 13.23 37.72 -10.53
N THR B 226 13.91 37.30 -11.59
CA THR B 226 15.00 38.03 -12.24
C THR B 226 16.01 38.59 -11.24
N LYS B 227 16.77 37.66 -10.65
CA LYS B 227 17.74 38.03 -9.63
C LYS B 227 18.78 38.98 -10.20
N VAL B 228 18.89 40.16 -9.59
CA VAL B 228 19.98 41.09 -9.86
C VAL B 228 20.79 41.24 -8.59
N ALA B 229 22.10 41.23 -8.73
CA ALA B 229 22.97 41.18 -7.57
C ALA B 229 22.79 42.40 -6.69
N ASN B 230 23.02 42.21 -5.40
CA ASN B 230 22.86 43.29 -4.43
C ASN B 230 23.95 44.33 -4.64
N GLY B 231 23.64 45.56 -4.25
CA GLY B 231 24.47 46.70 -4.58
C GLY B 231 23.96 47.46 -5.79
N ALA B 232 23.51 46.74 -6.81
CA ALA B 232 22.80 47.33 -7.93
C ALA B 232 21.32 46.97 -7.88
N TRP B 233 20.77 46.95 -6.67
CA TRP B 233 19.39 46.50 -6.48
C TRP B 233 18.42 47.52 -7.05
N ALA B 234 17.42 47.02 -7.76
CA ALA B 234 16.34 47.85 -8.31
C ALA B 234 15.00 47.26 -7.89
N TRP B 235 13.93 47.97 -8.25
CA TRP B 235 12.60 47.49 -7.88
C TRP B 235 12.21 46.23 -8.62
N GLY B 236 12.73 46.02 -9.81
CA GLY B 236 12.27 44.86 -10.55
C GLY B 236 12.87 43.53 -10.19
N SER B 237 13.73 43.48 -9.17
CA SER B 237 14.54 42.29 -8.94
C SER B 237 14.55 41.92 -7.47
N LEU B 238 15.23 40.82 -7.17
CA LEU B 238 15.61 40.47 -5.81
C LEU B 238 17.13 40.41 -5.74
N GLY B 239 17.69 41.05 -4.73
CA GLY B 239 19.14 41.08 -4.59
C GLY B 239 19.66 39.83 -3.91
N TYR B 240 20.84 39.40 -4.33
CA TYR B 240 21.48 38.23 -3.74
C TYR B 240 22.91 38.57 -3.38
N VAL B 241 23.40 37.91 -2.35
CA VAL B 241 24.81 38.00 -1.97
C VAL B 241 25.46 36.68 -2.31
N ALA B 242 26.77 36.73 -2.52
CA ALA B 242 27.53 35.58 -2.99
C ALA B 242 28.35 34.98 -1.86
N THR B 243 28.67 33.71 -2.02
CA THR B 243 29.54 33.02 -1.08
C THR B 243 31.00 33.20 -1.45
N GLY B 244 31.36 32.87 -2.68
CA GLY B 244 32.76 32.69 -3.01
C GLY B 244 32.91 31.72 -4.16
N ALA B 245 33.64 30.64 -3.93
CA ALA B 245 33.70 29.58 -4.92
C ALA B 245 32.31 29.03 -5.19
N ALA B 246 32.07 28.65 -6.44
CA ALA B 246 30.73 28.40 -6.92
C ALA B 246 30.16 27.10 -6.37
N GLY B 247 31.00 26.16 -5.97
CA GLY B 247 30.50 24.87 -5.58
C GLY B 247 29.80 24.88 -4.24
N ASP B 248 30.30 25.68 -3.29
CA ASP B 248 29.83 25.55 -1.93
C ASP B 248 30.07 26.87 -1.21
N PHE B 249 30.01 26.84 0.12
CA PHE B 249 30.38 28.01 0.91
C PHE B 249 31.84 28.36 0.71
N ALA B 250 32.21 29.54 1.18
CA ALA B 250 33.60 29.95 1.15
C ALA B 250 34.39 29.05 2.09
N ALA B 251 35.28 28.25 1.52
CA ALA B 251 35.89 27.17 2.27
C ALA B 251 36.88 27.69 3.32
N VAL B 252 37.47 28.85 3.07
CA VAL B 252 38.39 29.42 4.05
C VAL B 252 37.62 29.97 5.23
N ASN B 253 36.63 30.81 4.97
CA ASN B 253 35.81 31.41 6.01
C ASN B 253 34.36 31.09 5.70
N ALA B 254 33.82 30.11 6.40
CA ALA B 254 32.41 29.81 6.28
C ALA B 254 31.60 30.74 7.20
N SER B 255 30.28 30.67 7.04
CA SER B 255 29.32 31.40 7.85
C SER B 255 29.42 32.90 7.70
N ASP B 256 30.35 33.39 6.89
CA ASP B 256 30.26 34.80 6.53
C ASP B 256 29.18 35.00 5.49
N ALA B 257 28.91 33.97 4.68
CA ALA B 257 27.89 34.08 3.65
C ALA B 257 26.50 34.15 4.25
N VAL B 258 26.33 33.73 5.50
CA VAL B 258 25.06 33.93 6.17
C VAL B 258 24.96 35.36 6.68
N VAL B 259 26.00 35.86 7.32
CA VAL B 259 25.84 37.12 8.02
C VAL B 259 25.83 38.27 7.05
N ASP B 260 26.54 38.15 5.93
CA ASP B 260 26.51 39.23 4.96
C ASP B 260 25.21 39.26 4.19
N LEU B 261 24.42 38.19 4.26
CA LEU B 261 23.05 38.25 3.77
C LEU B 261 22.17 39.05 4.72
N VAL B 262 22.29 38.78 6.01
CA VAL B 262 21.33 39.32 6.96
C VAL B 262 21.51 40.82 7.12
N TYR B 263 22.73 41.27 7.26
CA TYR B 263 22.98 42.70 7.35
C TYR B 263 23.01 43.37 6.00
N ALA B 264 22.59 42.68 4.94
CA ALA B 264 22.33 43.32 3.66
C ALA B 264 20.85 43.35 3.30
N LEU B 265 19.97 42.91 4.18
CA LEU B 265 18.56 42.88 3.85
C LEU B 265 17.94 44.27 3.89
N GLY B 266 18.20 45.01 4.95
CA GLY B 266 17.48 46.25 5.21
C GLY B 266 17.00 46.18 6.63
N ALA B 267 16.98 47.30 7.34
CA ALA B 267 16.84 47.20 8.78
C ALA B 267 15.41 46.99 9.24
N GLU B 268 14.42 47.40 8.46
CA GLU B 268 13.08 47.41 9.02
C GLU B 268 12.38 46.07 8.88
N TYR B 269 12.66 45.32 7.82
CA TYR B 269 11.93 44.07 7.62
C TYR B 269 12.41 42.97 8.54
N ARG B 270 13.59 43.12 9.13
CA ARG B 270 14.15 42.07 9.97
C ARG B 270 13.51 42.01 11.33
N ALA B 271 12.55 42.88 11.62
CA ALA B 271 11.77 42.74 12.83
C ALA B 271 11.01 41.42 12.84
N ASN B 272 10.45 41.04 11.68
CA ASN B 272 9.83 39.72 11.51
C ASN B 272 10.30 39.16 10.18
N ALA B 273 11.41 38.45 10.20
CA ALA B 273 11.97 37.82 9.02
C ALA B 273 12.35 36.41 9.37
N SER B 274 12.58 35.59 8.35
CA SER B 274 12.90 34.20 8.59
C SER B 274 13.69 33.64 7.43
N PHE B 275 14.60 32.72 7.73
CA PHE B 275 15.30 32.01 6.69
C PHE B 275 14.39 30.99 6.04
N VAL B 276 14.68 30.66 4.79
CA VAL B 276 13.97 29.62 4.07
C VAL B 276 15.00 28.72 3.42
N MET B 277 15.04 27.46 3.86
CA MET B 277 15.96 26.48 3.33
C MET B 277 15.23 25.15 3.17
N ASN B 278 15.91 24.19 2.55
CA ASN B 278 15.46 22.82 2.63
C ASN B 278 16.32 22.08 3.65
N SER B 279 16.13 20.79 3.79
CA SER B 279 16.75 20.08 4.91
C SER B 279 18.24 19.92 4.70
N LYS B 280 18.66 19.51 3.51
CA LYS B 280 20.07 19.26 3.29
C LYS B 280 20.88 20.54 3.24
N THR B 281 20.25 21.68 3.01
CA THR B 281 20.95 22.94 3.23
C THR B 281 21.15 23.18 4.72
N ALA B 282 20.11 22.94 5.51
CA ALA B 282 20.27 23.03 6.96
C ALA B 282 21.21 21.96 7.47
N GLY B 283 21.40 20.88 6.73
CA GLY B 283 22.54 20.02 6.98
C GLY B 283 23.85 20.71 6.69
N ALA B 284 23.97 21.35 5.53
CA ALA B 284 25.24 21.94 5.15
C ALA B 284 25.54 23.20 5.96
N VAL B 285 24.52 23.89 6.45
CA VAL B 285 24.76 25.01 7.34
C VAL B 285 25.31 24.53 8.66
N ARG B 286 24.71 23.48 9.21
CA ARG B 286 25.13 22.97 10.50
C ARG B 286 26.46 22.24 10.42
N LYS B 287 26.86 21.81 9.23
CA LYS B 287 28.17 21.23 9.04
C LYS B 287 29.29 22.25 9.13
N MET B 288 28.99 23.54 9.27
CA MET B 288 30.04 24.54 9.38
C MET B 288 30.68 24.50 10.77
N LYS B 289 32.00 24.36 10.78
CA LYS B 289 32.75 24.20 12.01
C LYS B 289 34.07 24.96 11.88
N ASP B 290 34.68 25.25 13.02
CA ASP B 290 35.82 26.16 13.06
C ASP B 290 37.10 25.41 12.72
N ALA B 291 38.24 26.04 13.00
CA ALA B 291 39.52 25.36 12.86
C ALA B 291 39.69 24.24 13.87
N ASP B 292 38.93 24.25 14.96
CA ASP B 292 38.98 23.17 15.93
C ASP B 292 38.02 22.03 15.61
N GLY B 293 36.88 22.35 15.00
CA GLY B 293 35.90 21.35 14.65
C GLY B 293 34.73 21.31 15.62
N ARG B 294 34.22 22.49 15.97
CA ARG B 294 33.23 22.61 17.04
C ARG B 294 31.89 23.17 16.56
N PHE B 295 31.61 23.10 15.27
CA PHE B 295 30.24 23.29 14.76
C PHE B 295 29.70 24.68 15.12
N LEU B 296 30.25 25.68 14.41
CA LEU B 296 29.99 27.09 14.65
C LEU B 296 28.58 27.39 15.16
N TRP B 297 27.61 26.77 14.53
CA TRP B 297 26.22 26.80 14.97
C TRP B 297 25.85 25.48 15.62
N ALA B 298 25.28 25.55 16.83
CA ALA B 298 24.87 24.37 17.58
C ALA B 298 26.07 23.45 17.81
N ASP B 299 26.94 23.91 18.71
CA ASP B 299 28.30 23.40 18.81
C ASP B 299 28.34 21.90 19.12
N SER B 300 27.70 21.50 20.21
CA SER B 300 27.83 20.14 20.69
C SER B 300 27.02 19.16 19.84
N LEU B 301 27.31 17.88 20.02
CA LEU B 301 26.51 16.84 19.40
C LEU B 301 25.25 16.52 20.17
N ALA B 302 25.03 17.17 21.31
CA ALA B 302 23.78 17.07 22.03
C ALA B 302 22.85 18.23 21.74
N ALA B 303 23.19 19.05 20.73
CA ALA B 303 22.49 20.31 20.51
C ALA B 303 21.04 20.09 20.07
N GLY B 304 20.85 19.40 18.95
CA GLY B 304 19.55 19.40 18.31
C GLY B 304 19.41 20.62 17.42
N GLU B 305 18.24 20.73 16.80
CA GLU B 305 17.96 21.88 15.96
C GLU B 305 17.60 23.07 16.83
N PRO B 306 18.36 24.14 16.82
CA PRO B 306 18.09 25.26 17.74
C PRO B 306 17.12 26.28 17.18
N ALA B 307 16.92 26.26 15.86
CA ALA B 307 15.91 27.06 15.19
C ALA B 307 16.09 28.56 15.38
N ARG B 308 17.30 29.02 15.67
CA ARG B 308 17.51 30.44 15.94
C ARG B 308 18.73 30.96 15.18
N LEU B 309 18.78 30.68 13.90
CA LEU B 309 19.93 31.09 13.09
C LEU B 309 20.05 32.61 13.05
N MET B 310 21.19 33.11 13.53
CA MET B 310 21.48 34.55 13.59
C MET B 310 20.43 35.31 14.38
N GLY B 311 19.84 34.66 15.37
CA GLY B 311 18.76 35.27 16.11
C GLY B 311 17.43 35.28 15.39
N TYR B 312 17.33 34.62 14.24
CA TYR B 312 16.09 34.67 13.49
C TYR B 312 15.54 33.27 13.27
N PRO B 313 14.24 33.13 13.11
CA PRO B 313 13.68 31.81 12.86
C PRO B 313 14.08 31.25 11.52
N VAL B 314 13.93 29.93 11.39
CA VAL B 314 14.32 29.18 10.21
C VAL B 314 13.10 28.42 9.70
N LEU B 315 12.81 28.55 8.41
CA LEU B 315 11.80 27.74 7.77
C LEU B 315 12.47 26.68 6.91
N ILE B 316 12.11 25.42 7.12
CA ILE B 316 12.64 24.32 6.33
C ILE B 316 11.55 23.88 5.35
N ALA B 317 11.64 24.37 4.13
CA ALA B 317 10.71 24.00 3.07
C ALA B 317 11.50 23.31 1.97
N GLU B 318 11.02 22.16 1.52
CA GLU B 318 11.86 21.27 0.73
C GLU B 318 11.92 21.62 -0.75
N ASP B 319 11.21 22.64 -1.21
CA ASP B 319 11.26 22.98 -2.62
C ASP B 319 12.31 24.03 -2.92
N MET B 320 13.04 24.48 -1.90
CA MET B 320 14.23 25.27 -2.16
C MET B 320 15.24 24.41 -2.91
N PRO B 321 15.93 24.95 -3.90
CA PRO B 321 16.93 24.15 -4.59
C PRO B 321 18.13 23.93 -3.69
N ASP B 322 18.61 22.71 -3.68
CA ASP B 322 19.78 22.36 -2.89
C ASP B 322 21.04 22.97 -3.48
N ILE B 323 22.11 22.95 -2.71
CA ILE B 323 23.28 23.76 -3.01
C ILE B 323 23.95 23.21 -4.26
N ALA B 324 24.13 24.07 -5.26
CA ALA B 324 24.71 23.67 -6.53
C ALA B 324 25.64 24.78 -6.99
N ALA B 325 26.03 24.73 -8.26
CA ALA B 325 27.00 25.68 -8.78
C ALA B 325 26.43 27.08 -8.94
N ASN B 326 25.11 27.23 -8.99
CA ASN B 326 24.50 28.55 -9.05
C ASN B 326 23.22 28.61 -8.23
N ALA B 327 22.95 27.61 -7.39
CA ALA B 327 21.65 27.49 -6.78
C ALA B 327 21.46 28.51 -5.67
N TYR B 328 20.22 28.97 -5.52
CA TYR B 328 19.87 29.99 -4.54
C TYR B 328 19.25 29.29 -3.33
N ALA B 329 20.13 28.66 -2.55
CA ALA B 329 19.65 27.68 -1.57
C ALA B 329 19.15 28.33 -0.29
N ILE B 330 19.64 29.50 0.06
CA ILE B 330 19.23 30.16 1.29
C ILE B 330 18.53 31.46 0.94
N ALA B 331 17.30 31.60 1.38
CA ALA B 331 16.56 32.84 1.24
C ALA B 331 16.18 33.35 2.62
N PHE B 332 16.03 34.67 2.73
CA PHE B 332 15.79 35.28 4.02
C PHE B 332 15.10 36.61 3.81
N GLY B 333 14.04 36.84 4.58
CA GLY B 333 13.37 38.13 4.53
C GLY B 333 11.99 38.06 5.14
N ASP B 334 11.39 39.25 5.27
CA ASP B 334 10.01 39.38 5.72
C ASP B 334 9.09 38.95 4.59
N PHE B 335 8.66 37.70 4.62
CA PHE B 335 7.69 37.27 3.63
C PHE B 335 6.28 37.74 3.94
N GLY B 336 6.07 38.39 5.08
CA GLY B 336 4.76 38.97 5.34
C GLY B 336 4.47 40.10 4.37
N ASN B 337 5.37 41.07 4.29
CA ASN B 337 5.24 42.10 3.26
C ASN B 337 5.86 41.68 1.95
N GLY B 338 6.74 40.70 1.96
CA GLY B 338 7.38 40.29 0.73
C GLY B 338 6.46 39.54 -0.20
N TYR B 339 5.95 38.40 0.25
CA TYR B 339 5.22 37.48 -0.60
C TYR B 339 3.73 37.54 -0.27
N THR B 340 2.90 37.55 -1.30
CA THR B 340 1.46 37.61 -1.14
C THR B 340 0.82 36.36 -1.70
N ILE B 341 0.04 35.68 -0.87
CA ILE B 341 -0.73 34.51 -1.27
C ILE B 341 -2.19 34.92 -1.40
N ALA B 342 -2.77 34.65 -2.56
CA ALA B 342 -4.20 34.78 -2.76
C ALA B 342 -4.80 33.41 -3.01
N GLU B 343 -5.96 33.17 -2.40
CA GLU B 343 -6.57 31.85 -2.46
C GLU B 343 -8.03 31.96 -2.07
N ARG B 344 -8.75 30.88 -2.33
CA ARG B 344 -10.08 30.68 -1.81
C ARG B 344 -10.07 29.44 -0.93
N PRO B 345 -10.63 29.50 0.28
CA PRO B 345 -10.40 28.40 1.24
C PRO B 345 -11.15 27.12 0.91
N ASP B 346 -12.09 27.15 -0.02
CA ASP B 346 -12.91 25.98 -0.30
C ASP B 346 -12.12 24.94 -1.08
N LEU B 347 -12.68 23.74 -1.17
CA LEU B 347 -12.10 22.66 -1.96
C LEU B 347 -13.24 21.88 -2.58
N ARG B 348 -13.23 21.74 -3.91
CA ARG B 348 -14.32 21.11 -4.64
C ARG B 348 -13.97 19.71 -5.10
N VAL B 349 -14.81 18.75 -4.74
CA VAL B 349 -14.50 17.33 -4.79
C VAL B 349 -15.39 16.64 -5.82
N LEU B 350 -15.61 17.30 -6.96
CA LEU B 350 -16.43 16.75 -8.02
C LEU B 350 -16.03 15.32 -8.39
N ARG B 351 -17.02 14.44 -8.52
CA ARG B 351 -16.80 13.07 -8.97
C ARG B 351 -17.85 12.73 -10.02
N ASP B 352 -17.51 11.80 -10.91
CA ASP B 352 -18.45 11.51 -11.99
C ASP B 352 -18.30 10.11 -12.58
N PRO B 353 -19.21 9.18 -12.26
CA PRO B 353 -19.27 7.95 -13.07
C PRO B 353 -19.76 8.20 -14.48
N PHE B 354 -20.23 9.40 -14.79
CA PHE B 354 -20.80 9.73 -16.08
C PHE B 354 -19.75 10.01 -17.15
N SER B 355 -18.47 10.15 -16.78
CA SER B 355 -17.45 10.56 -17.73
C SER B 355 -16.80 9.36 -18.42
N ALA B 356 -16.25 8.44 -17.63
CA ALA B 356 -15.72 7.18 -18.13
C ALA B 356 -16.46 6.08 -17.39
N LYS B 357 -17.25 5.32 -18.12
CA LYS B 357 -18.32 4.53 -17.52
C LYS B 357 -17.87 3.42 -16.58
N PRO B 358 -16.74 2.76 -16.80
CA PRO B 358 -16.19 1.88 -15.76
C PRO B 358 -15.41 2.59 -14.68
N HIS B 359 -15.41 3.92 -14.64
CA HIS B 359 -14.51 4.64 -13.76
C HIS B 359 -15.26 5.77 -13.05
N VAL B 360 -14.55 6.46 -12.17
CA VAL B 360 -15.17 7.42 -11.27
C VAL B 360 -14.63 8.83 -11.47
N LEU B 361 -13.32 8.99 -11.66
CA LEU B 361 -12.69 10.27 -11.95
C LEU B 361 -12.97 11.30 -10.87
N PHE B 362 -12.41 11.03 -9.69
CA PHE B 362 -12.43 11.99 -8.60
C PHE B 362 -11.73 13.27 -9.03
N TYR B 363 -12.47 14.38 -9.05
CA TYR B 363 -11.93 15.65 -9.52
C TYR B 363 -11.86 16.59 -8.35
N ALA B 364 -10.68 17.11 -8.06
CA ALA B 364 -10.48 18.03 -6.95
C ALA B 364 -9.83 19.30 -7.47
N SER B 365 -10.36 20.44 -7.04
CA SER B 365 -9.85 21.74 -7.46
C SER B 365 -9.93 22.72 -6.31
N LYS B 366 -8.81 23.37 -6.03
CA LYS B 366 -8.79 24.58 -5.21
C LYS B 366 -7.95 25.61 -5.95
N ARG B 367 -8.43 26.84 -5.97
CA ARG B 367 -7.78 27.90 -6.71
C ARG B 367 -6.96 28.77 -5.77
N VAL B 368 -5.71 29.02 -6.15
CA VAL B 368 -4.76 29.72 -5.30
C VAL B 368 -3.72 30.36 -6.22
N GLY B 369 -3.31 31.56 -5.87
CA GLY B 369 -2.31 32.26 -6.66
C GLY B 369 -1.54 33.26 -5.82
N GLY B 370 -0.34 33.59 -6.30
CA GLY B 370 0.44 34.62 -5.66
C GLY B 370 1.86 34.71 -6.13
N ASP B 371 2.51 35.84 -5.85
CA ASP B 371 3.94 35.97 -6.03
C ASP B 371 4.44 36.95 -4.99
N VAL B 372 5.64 37.49 -5.21
CA VAL B 372 6.15 38.55 -4.35
C VAL B 372 5.38 39.84 -4.63
N SER B 373 5.15 40.61 -3.58
CA SER B 373 4.60 41.94 -3.68
C SER B 373 5.62 43.02 -3.41
N ASP B 374 6.57 42.75 -2.52
CA ASP B 374 7.66 43.67 -2.22
C ASP B 374 8.95 43.03 -2.67
N PHE B 375 9.57 43.60 -3.69
CA PHE B 375 10.85 43.08 -4.17
C PHE B 375 11.98 43.38 -3.20
N ALA B 376 11.76 44.23 -2.21
CA ALA B 376 12.82 44.60 -1.29
C ALA B 376 12.84 43.75 -0.03
N ALA B 377 11.73 43.11 0.32
CA ALA B 377 11.65 42.43 1.60
C ALA B 377 12.41 41.12 1.62
N ILE B 378 12.88 40.64 0.48
CA ILE B 378 13.46 39.30 0.37
C ILE B 378 14.84 39.41 -0.26
N LYS B 379 15.80 38.68 0.28
CA LYS B 379 17.12 38.58 -0.32
C LYS B 379 17.55 37.12 -0.37
N LEU B 380 18.49 36.83 -1.27
CA LEU B 380 18.88 35.48 -1.62
C LEU B 380 20.38 35.27 -1.43
N LEU B 381 20.79 34.03 -1.60
CA LEU B 381 22.20 33.63 -1.48
C LEU B 381 22.56 32.80 -2.69
N LYS B 382 23.45 33.32 -3.53
CA LYS B 382 23.85 32.64 -4.75
C LYS B 382 25.25 32.07 -4.57
N PHE B 383 25.39 30.78 -4.83
CA PHE B 383 26.66 30.07 -4.68
C PHE B 383 27.54 30.27 -5.92
N ALA B 384 28.08 31.46 -6.04
CA ALA B 384 28.99 31.78 -7.12
C ALA B 384 29.92 32.89 -6.66
N ALA B 385 30.74 33.38 -7.59
CA ALA B 385 31.70 34.42 -7.25
C ALA B 385 31.03 35.78 -7.29
N ALA C 89 -70.73 9.50 -36.57
CA ALA C 89 -71.67 8.62 -35.90
C ALA C 89 -72.07 7.46 -36.81
N LEU C 90 -71.41 7.35 -37.95
CA LEU C 90 -71.70 6.28 -38.89
C LEU C 90 -70.76 5.11 -38.57
N ASN C 91 -70.61 4.18 -39.51
CA ASN C 91 -69.92 2.93 -39.24
C ASN C 91 -68.48 3.17 -38.81
N SER C 92 -67.97 2.23 -38.02
CA SER C 92 -66.64 2.31 -37.46
C SER C 92 -65.56 1.85 -38.43
N ALA C 93 -65.93 1.39 -39.62
CA ALA C 93 -64.94 0.86 -40.54
C ALA C 93 -64.15 2.00 -41.20
N VAL C 94 -64.84 2.86 -41.93
CA VAL C 94 -64.16 3.93 -42.63
C VAL C 94 -63.79 5.01 -41.64
N ALA C 95 -62.69 5.71 -41.92
CA ALA C 95 -62.16 6.63 -40.93
C ALA C 95 -62.98 7.90 -40.84
N ALA C 96 -63.41 8.46 -41.97
CA ALA C 96 -64.03 9.77 -41.94
C ALA C 96 -65.41 9.72 -41.28
N GLU C 97 -66.12 8.60 -41.41
CA GLU C 97 -67.43 8.46 -40.79
C GLU C 97 -67.29 7.90 -39.39
N GLY C 98 -66.54 8.63 -38.57
CA GLY C 98 -66.36 8.24 -37.19
C GLY C 98 -65.46 7.05 -36.98
N GLY C 99 -64.43 6.91 -37.81
CA GLY C 99 -63.46 5.88 -37.57
C GLY C 99 -62.30 6.36 -36.74
N TYR C 100 -62.28 7.66 -36.47
CA TYR C 100 -61.27 8.28 -35.62
C TYR C 100 -61.71 8.38 -34.18
N LEU C 101 -62.81 7.72 -33.82
CA LEU C 101 -63.30 7.78 -32.45
C LEU C 101 -63.03 6.50 -31.69
N VAL C 102 -62.32 5.55 -32.30
CA VAL C 102 -62.23 4.21 -31.75
C VAL C 102 -60.93 3.97 -31.00
N ASP C 103 -59.88 4.76 -31.27
CA ASP C 103 -58.66 4.90 -30.48
C ASP C 103 -58.21 3.58 -29.84
N PRO C 104 -57.59 2.69 -30.63
CA PRO C 104 -57.40 1.31 -30.17
C PRO C 104 -56.65 1.23 -28.85
N GLN C 105 -57.19 0.44 -27.94
CA GLN C 105 -56.55 0.23 -26.65
C GLN C 105 -55.32 -0.63 -26.81
N THR C 106 -54.22 -0.18 -26.22
CA THR C 106 -52.97 -0.91 -26.27
C THR C 106 -52.91 -1.96 -25.17
N SER C 107 -51.76 -2.62 -25.04
CA SER C 107 -51.58 -3.62 -24.02
C SER C 107 -51.54 -2.98 -22.63
N GLU C 108 -51.63 -3.84 -21.63
CA GLU C 108 -51.37 -3.44 -20.24
C GLU C 108 -49.89 -3.55 -19.94
N THR C 109 -49.28 -4.64 -20.37
CA THR C 109 -47.87 -4.92 -20.17
C THR C 109 -47.22 -5.04 -21.54
N ILE C 110 -46.13 -4.29 -21.74
CA ILE C 110 -45.33 -4.48 -22.93
C ILE C 110 -44.73 -5.87 -22.90
N ARG C 111 -45.04 -6.67 -23.90
CA ARG C 111 -44.57 -8.05 -23.91
C ARG C 111 -43.23 -8.11 -24.65
N GLY C 112 -42.77 -9.31 -24.92
CA GLY C 112 -41.55 -9.50 -25.67
C GLY C 112 -41.43 -10.96 -26.04
N VAL C 113 -40.46 -11.22 -26.92
CA VAL C 113 -40.10 -12.60 -27.20
C VAL C 113 -39.49 -13.18 -25.95
N LEU C 114 -39.74 -14.45 -25.69
CA LEU C 114 -39.39 -15.08 -24.43
C LEU C 114 -38.30 -16.10 -24.74
N ARG C 115 -37.08 -15.76 -24.35
CA ARG C 115 -35.90 -16.51 -24.71
C ARG C 115 -35.58 -17.54 -23.63
N SER C 116 -34.57 -18.36 -23.88
CA SER C 116 -34.29 -19.50 -23.01
C SER C 116 -33.70 -19.03 -21.69
N THR C 117 -34.43 -19.23 -20.60
CA THR C 117 -33.94 -18.90 -19.27
C THR C 117 -33.17 -20.04 -18.62
N ALA C 118 -33.01 -21.15 -19.33
CA ALA C 118 -32.22 -22.28 -18.83
C ALA C 118 -30.76 -21.89 -18.80
N SER C 119 -30.24 -21.61 -17.60
CA SER C 119 -28.96 -20.92 -17.50
C SER C 119 -27.99 -21.64 -16.57
N LEU C 120 -28.33 -22.85 -16.12
CA LEU C 120 -27.47 -23.64 -15.23
C LEU C 120 -27.35 -22.99 -13.85
N ARG C 121 -27.90 -21.79 -13.70
CA ARG C 121 -27.84 -21.14 -12.40
C ARG C 121 -28.71 -21.85 -11.38
N GLN C 122 -29.84 -22.41 -11.82
CA GLN C 122 -30.71 -23.13 -10.90
C GLN C 122 -30.23 -24.53 -10.58
N ILE C 123 -29.17 -25.00 -11.22
CA ILE C 123 -28.61 -26.30 -10.87
C ILE C 123 -27.19 -26.23 -10.33
N ALA C 124 -26.49 -25.10 -10.45
CA ALA C 124 -25.13 -25.02 -9.95
C ALA C 124 -25.16 -24.57 -8.50
N SER C 125 -24.01 -24.19 -7.97
CA SER C 125 -23.88 -23.78 -6.57
C SER C 125 -23.74 -22.27 -6.54
N VAL C 126 -24.88 -21.59 -6.36
CA VAL C 126 -24.89 -20.12 -6.34
C VAL C 126 -24.38 -19.64 -5.00
N VAL C 127 -23.36 -18.80 -5.02
CA VAL C 127 -22.73 -18.32 -3.80
C VAL C 127 -22.76 -16.80 -3.83
N ASN C 128 -23.37 -16.21 -2.81
CA ASN C 128 -23.27 -14.78 -2.60
C ASN C 128 -21.84 -14.39 -2.25
N VAL C 129 -21.33 -13.37 -2.91
CA VAL C 129 -20.00 -12.86 -2.58
C VAL C 129 -19.93 -11.36 -2.87
N GLU C 130 -19.60 -10.59 -1.84
CA GLU C 130 -19.31 -9.17 -2.00
C GLU C 130 -17.80 -8.97 -1.86
N ALA C 131 -17.07 -9.34 -2.92
CA ALA C 131 -15.62 -9.25 -2.87
C ALA C 131 -15.10 -9.14 -4.31
N THR C 132 -13.82 -9.40 -4.51
CA THR C 132 -13.25 -9.39 -5.84
C THR C 132 -13.12 -10.78 -6.44
N SER C 133 -13.32 -11.83 -5.65
CA SER C 133 -12.96 -13.18 -6.05
C SER C 133 -13.68 -14.14 -5.12
N PHE C 134 -13.52 -15.43 -5.39
CA PHE C 134 -14.02 -16.43 -4.47
C PHE C 134 -13.06 -17.60 -4.50
N ASP C 135 -12.81 -18.19 -3.34
CA ASP C 135 -11.81 -19.25 -3.20
C ASP C 135 -12.45 -20.49 -2.60
N VAL C 136 -12.79 -21.45 -3.46
CA VAL C 136 -13.18 -22.76 -2.97
C VAL C 136 -11.93 -23.47 -2.44
N LEU C 137 -12.12 -24.32 -1.43
CA LEU C 137 -11.04 -25.08 -0.83
C LEU C 137 -11.43 -26.56 -0.81
N VAL C 138 -11.08 -27.27 -1.87
CA VAL C 138 -11.48 -28.65 -2.03
C VAL C 138 -10.32 -29.56 -1.64
N ASP C 139 -10.61 -30.86 -1.52
CA ASP C 139 -9.65 -31.85 -1.05
C ASP C 139 -9.41 -32.84 -2.18
N LYS C 140 -8.18 -32.86 -2.70
CA LYS C 140 -7.87 -33.72 -3.83
C LYS C 140 -7.54 -35.15 -3.41
N THR C 141 -7.14 -35.36 -2.16
CA THR C 141 -6.85 -36.71 -1.68
C THR C 141 -7.66 -36.98 -0.42
N ASP C 142 -7.35 -38.07 0.27
CA ASP C 142 -8.04 -38.40 1.52
C ASP C 142 -7.09 -39.13 2.45
N MET C 143 -7.57 -39.43 3.64
CA MET C 143 -6.76 -40.05 4.68
C MET C 143 -6.62 -41.55 4.44
N GLY C 144 -6.00 -42.22 5.40
CA GLY C 144 -5.96 -43.67 5.41
C GLY C 144 -6.36 -44.19 6.77
N SER C 145 -6.94 -45.39 6.77
CA SER C 145 -7.46 -46.01 7.98
C SER C 145 -6.60 -47.20 8.39
N GLY C 146 -6.70 -47.56 9.66
CA GLY C 146 -5.78 -48.53 10.22
C GLY C 146 -6.21 -49.97 10.31
N TRP C 147 -7.37 -50.21 10.91
CA TRP C 147 -7.67 -51.51 11.50
C TRP C 147 -6.48 -51.95 12.33
N ALA C 148 -6.20 -51.18 13.38
CA ALA C 148 -5.03 -51.43 14.20
C ALA C 148 -5.20 -52.68 15.04
N SER C 149 -4.15 -53.49 15.11
CA SER C 149 -4.20 -54.69 15.90
C SER C 149 -4.17 -54.32 17.38
N GLU C 150 -4.18 -55.34 18.23
CA GLU C 150 -4.18 -55.08 19.66
C GLU C 150 -2.83 -54.59 20.11
N THR C 151 -1.76 -55.11 19.52
CA THR C 151 -0.39 -54.69 19.81
C THR C 151 0.21 -54.21 18.49
N ALA C 152 -0.01 -52.94 18.18
CA ALA C 152 0.40 -52.40 16.90
C ALA C 152 1.24 -51.13 17.06
N ALA C 153 0.98 -50.34 18.10
CA ALA C 153 1.67 -49.06 18.30
C ALA C 153 1.48 -48.17 17.07
N LEU C 154 0.23 -47.72 16.93
CA LEU C 154 -0.26 -47.20 15.65
C LEU C 154 0.54 -46.00 15.17
N SER C 155 0.92 -46.05 13.90
CA SER C 155 1.80 -45.07 13.27
C SER C 155 0.97 -43.98 12.61
N GLU C 156 1.63 -43.14 11.82
CA GLU C 156 0.99 -42.01 11.16
C GLU C 156 0.13 -42.48 10.01
N THR C 157 -0.72 -41.59 9.52
CA THR C 157 -1.49 -41.83 8.31
C THR C 157 -1.52 -40.55 7.48
N ALA C 158 -2.06 -40.67 6.28
CA ALA C 158 -2.08 -39.55 5.35
C ALA C 158 -3.10 -38.51 5.80
N THR C 159 -3.18 -37.43 5.02
CA THR C 159 -3.95 -36.27 5.36
C THR C 159 -4.30 -35.62 4.03
N PRO C 160 -5.55 -35.21 3.84
CA PRO C 160 -5.95 -34.74 2.51
C PRO C 160 -5.31 -33.40 2.19
N GLN C 161 -4.44 -33.41 1.18
CA GLN C 161 -3.86 -32.18 0.69
C GLN C 161 -4.92 -31.36 -0.03
N ILE C 162 -4.86 -30.04 0.16
CA ILE C 162 -5.99 -29.16 -0.09
C ILE C 162 -5.67 -28.27 -1.26
N ASP C 163 -6.58 -28.24 -2.23
CA ASP C 163 -6.38 -27.51 -3.51
C ASP C 163 -7.35 -26.33 -3.58
N ARG C 164 -6.81 -25.13 -3.75
CA ARG C 164 -7.61 -23.92 -3.92
C ARG C 164 -7.86 -23.63 -5.40
N ILE C 165 -9.10 -23.31 -5.75
CA ILE C 165 -9.42 -22.71 -7.03
C ILE C 165 -10.00 -21.32 -6.78
N THR C 166 -9.44 -20.32 -7.45
CA THR C 166 -9.86 -18.94 -7.25
C THR C 166 -10.91 -18.57 -8.30
N ILE C 167 -12.09 -18.15 -7.84
CA ILE C 167 -13.10 -17.61 -8.74
C ILE C 167 -12.70 -16.20 -9.14
N PRO C 168 -12.73 -15.86 -10.43
CA PRO C 168 -12.33 -14.49 -10.81
C PRO C 168 -13.35 -13.42 -10.46
N LEU C 169 -14.64 -13.72 -10.54
CA LEU C 169 -15.71 -12.77 -10.18
C LEU C 169 -15.61 -11.50 -11.03
N HIS C 170 -15.88 -11.68 -12.32
CA HIS C 170 -15.87 -10.62 -13.31
C HIS C 170 -17.08 -9.71 -13.14
N GLU C 171 -17.13 -8.67 -13.96
CA GLU C 171 -18.32 -7.84 -14.07
C GLU C 171 -18.94 -7.99 -15.46
N LEU C 172 -20.24 -7.72 -15.52
CA LEU C 172 -21.00 -7.81 -16.75
C LEU C 172 -21.90 -6.59 -16.84
N ALA C 173 -21.82 -5.87 -17.95
CA ALA C 173 -22.61 -4.66 -18.12
C ALA C 173 -23.19 -4.61 -19.52
N ALA C 174 -24.36 -3.99 -19.62
CA ALA C 174 -24.99 -3.66 -20.89
C ALA C 174 -25.53 -2.24 -20.77
N MET C 175 -25.46 -1.48 -21.87
CA MET C 175 -25.75 -0.06 -21.82
C MET C 175 -26.60 0.36 -23.01
N PRO C 176 -27.92 0.31 -22.87
CA PRO C 176 -28.79 0.85 -23.92
C PRO C 176 -28.88 2.36 -23.87
N LYS C 177 -29.23 2.95 -25.00
CA LYS C 177 -29.35 4.40 -25.13
C LYS C 177 -30.81 4.75 -25.36
N ALA C 178 -31.43 5.38 -24.37
CA ALA C 178 -32.85 5.67 -24.39
C ALA C 178 -33.10 7.17 -24.40
N SER C 179 -34.06 7.61 -25.18
CA SER C 179 -34.29 9.04 -25.36
C SER C 179 -35.16 9.60 -24.25
N GLN C 180 -34.84 10.82 -23.83
CA GLN C 180 -35.60 11.44 -22.74
C GLN C 180 -37.03 11.73 -23.16
N ARG C 181 -37.25 11.99 -24.45
CA ARG C 181 -38.61 12.23 -24.91
C ARG C 181 -39.45 10.96 -24.80
N LEU C 182 -38.84 9.80 -25.03
CA LEU C 182 -39.58 8.55 -24.92
C LEU C 182 -39.95 8.25 -23.48
N LEU C 183 -39.05 8.52 -22.54
CA LEU C 183 -39.25 8.11 -21.15
C LEU C 183 -40.30 8.94 -20.42
N ASP C 184 -40.83 9.98 -21.03
CA ASP C 184 -41.80 10.84 -20.35
C ASP C 184 -43.21 10.74 -20.91
N ASP C 185 -43.41 10.01 -22.00
CA ASP C 185 -44.67 10.11 -22.74
C ASP C 185 -45.20 8.75 -23.19
N SER C 186 -44.77 7.66 -22.59
CA SER C 186 -44.92 6.32 -23.16
C SER C 186 -45.44 5.35 -22.10
N ALA C 187 -46.57 5.69 -21.52
CA ALA C 187 -46.99 5.36 -20.15
C ALA C 187 -46.57 4.00 -19.62
N PHE C 188 -46.30 3.02 -20.48
CA PHE C 188 -45.57 1.85 -20.01
C PHE C 188 -44.28 2.29 -19.33
N ASP C 189 -44.03 1.74 -18.15
CA ASP C 189 -42.88 2.16 -17.35
C ASP C 189 -41.60 1.61 -17.98
N ILE C 190 -40.91 2.46 -18.74
CA ILE C 190 -39.78 1.98 -19.52
C ILE C 190 -38.57 1.68 -18.64
N GLU C 191 -38.43 2.37 -17.51
CA GLU C 191 -37.29 2.10 -16.65
C GLU C 191 -37.34 0.70 -16.07
N THR C 192 -38.45 0.33 -15.46
CA THR C 192 -38.56 -1.03 -14.95
C THR C 192 -38.79 -2.06 -16.04
N TRP C 193 -39.16 -1.63 -17.25
CA TRP C 193 -39.20 -2.60 -18.33
C TRP C 193 -37.80 -2.98 -18.77
N LEU C 194 -36.89 -2.00 -18.86
CA LEU C 194 -35.54 -2.33 -19.25
C LEU C 194 -34.81 -3.12 -18.17
N ALA C 195 -35.00 -2.75 -16.91
CA ALA C 195 -34.36 -3.51 -15.86
C ALA C 195 -34.92 -4.92 -15.76
N ASN C 196 -36.18 -5.11 -16.16
CA ASN C 196 -36.71 -6.45 -16.29
C ASN C 196 -36.22 -7.15 -17.55
N ARG C 197 -35.74 -6.38 -18.53
CA ARG C 197 -35.26 -6.96 -19.76
C ARG C 197 -33.75 -7.10 -19.79
N ILE C 198 -33.03 -6.18 -19.18
CA ILE C 198 -31.58 -6.30 -19.05
C ILE C 198 -31.22 -7.50 -18.21
N ALA C 199 -32.00 -7.76 -17.14
CA ALA C 199 -31.75 -8.93 -16.31
C ALA C 199 -31.97 -10.21 -17.08
N ASP C 200 -32.92 -10.22 -18.01
CA ASP C 200 -33.16 -11.44 -18.75
C ASP C 200 -32.09 -11.66 -19.81
N LYS C 201 -31.45 -10.59 -20.27
CA LYS C 201 -30.27 -10.76 -21.11
C LYS C 201 -29.08 -11.26 -20.30
N PHE C 202 -28.91 -10.72 -19.08
CA PHE C 202 -27.78 -11.14 -18.27
C PHE C 202 -27.87 -12.60 -17.88
N ALA C 203 -29.06 -13.06 -17.48
CA ALA C 203 -29.21 -14.47 -17.17
C ALA C 203 -29.17 -15.33 -18.42
N ARG C 204 -29.26 -14.70 -19.59
CA ARG C 204 -29.04 -15.38 -20.85
C ARG C 204 -27.62 -15.22 -21.35
N ALA C 205 -26.94 -14.14 -20.96
CA ALA C 205 -25.56 -13.95 -21.39
C ALA C 205 -24.60 -14.81 -20.58
N GLU C 206 -24.83 -14.93 -19.27
CA GLU C 206 -23.90 -15.69 -18.46
C GLU C 206 -24.14 -17.18 -18.54
N ALA C 207 -25.23 -17.62 -19.18
CA ALA C 207 -25.39 -19.05 -19.44
C ALA C 207 -24.32 -19.54 -20.40
N ALA C 208 -23.90 -18.70 -21.34
CA ALA C 208 -22.74 -19.04 -22.15
C ALA C 208 -21.46 -18.98 -21.33
N ALA C 209 -21.41 -18.12 -20.32
CA ALA C 209 -20.22 -18.02 -19.50
C ALA C 209 -20.09 -19.23 -18.59
N PHE C 210 -21.19 -19.69 -18.02
CA PHE C 210 -21.13 -20.81 -17.10
C PHE C 210 -20.83 -22.13 -17.78
N ILE C 211 -20.95 -22.20 -19.10
CA ILE C 211 -20.83 -23.47 -19.80
C ILE C 211 -19.72 -23.40 -20.84
N SER C 212 -19.79 -22.43 -21.73
CA SER C 212 -18.81 -22.35 -22.80
C SER C 212 -18.01 -21.06 -22.74
N GLY C 213 -18.02 -20.40 -21.59
CA GLY C 213 -17.22 -19.22 -21.43
C GLY C 213 -15.74 -19.56 -21.39
N ASP C 214 -14.93 -18.66 -21.91
CA ASP C 214 -13.50 -18.82 -21.84
C ASP C 214 -12.95 -18.03 -20.65
N GLY C 215 -11.64 -17.87 -20.60
CA GLY C 215 -10.99 -17.31 -19.43
C GLY C 215 -11.08 -15.82 -19.24
N VAL C 216 -10.84 -15.06 -20.32
CA VAL C 216 -10.64 -13.63 -20.18
C VAL C 216 -11.96 -12.92 -19.92
N ASP C 217 -11.98 -12.12 -18.87
CA ASP C 217 -13.04 -11.15 -18.56
C ASP C 217 -14.38 -11.81 -18.26
N LYS C 218 -14.43 -13.13 -18.20
CA LYS C 218 -15.69 -13.84 -18.06
C LYS C 218 -15.40 -15.24 -17.53
N PRO C 219 -16.36 -15.87 -16.87
CA PRO C 219 -16.08 -17.17 -16.25
C PRO C 219 -15.82 -18.24 -17.29
N THR C 220 -14.96 -19.18 -16.93
CA THR C 220 -14.73 -20.34 -17.78
C THR C 220 -15.81 -21.36 -17.48
N GLY C 221 -16.65 -21.64 -18.44
CA GLY C 221 -17.52 -22.79 -18.32
C GLY C 221 -16.71 -24.07 -18.37
N PHE C 222 -17.38 -25.16 -18.03
CA PHE C 222 -16.65 -26.40 -17.84
C PHE C 222 -16.19 -27.02 -19.14
N LEU C 223 -16.64 -26.52 -20.28
CA LEU C 223 -16.22 -27.13 -21.54
C LEU C 223 -14.77 -26.84 -21.87
N THR C 224 -14.25 -25.69 -21.46
CA THR C 224 -12.87 -25.32 -21.73
C THR C 224 -11.99 -25.52 -20.50
N LYS C 225 -11.87 -26.78 -20.05
CA LYS C 225 -11.11 -27.10 -18.85
C LYS C 225 -10.25 -28.33 -19.04
N THR C 226 -9.42 -28.33 -20.09
CA THR C 226 -8.36 -29.31 -20.33
C THR C 226 -8.87 -30.75 -20.17
N LYS C 227 -9.71 -31.12 -21.13
CA LYS C 227 -10.39 -32.41 -21.12
C LYS C 227 -9.41 -33.57 -21.13
N VAL C 228 -9.69 -34.59 -20.31
CA VAL C 228 -8.89 -35.81 -20.24
C VAL C 228 -9.84 -37.00 -20.33
N ALA C 229 -9.49 -37.97 -21.16
CA ALA C 229 -10.34 -39.14 -21.30
C ALA C 229 -10.40 -39.90 -19.98
N ASN C 230 -11.57 -40.44 -19.68
CA ASN C 230 -11.82 -40.97 -18.35
C ASN C 230 -11.11 -42.30 -18.18
N GLY C 231 -10.53 -42.50 -17.01
CA GLY C 231 -9.70 -43.66 -16.74
C GLY C 231 -8.29 -43.26 -16.37
N ALA C 232 -7.72 -42.32 -17.11
CA ALA C 232 -6.52 -41.60 -16.67
C ALA C 232 -6.91 -40.28 -16.04
N TRP C 233 -7.83 -40.32 -15.09
CA TRP C 233 -8.43 -39.11 -14.55
C TRP C 233 -7.47 -38.43 -13.59
N ALA C 234 -6.99 -37.24 -13.97
CA ALA C 234 -6.14 -36.44 -13.11
C ALA C 234 -7.01 -35.49 -12.30
N TRP C 235 -6.39 -34.68 -11.44
CA TRP C 235 -7.18 -33.69 -10.71
C TRP C 235 -7.51 -32.48 -11.56
N GLY C 236 -6.50 -31.80 -12.07
CA GLY C 236 -6.78 -30.51 -12.70
C GLY C 236 -7.38 -30.60 -14.10
N SER C 237 -8.38 -31.45 -14.25
CA SER C 237 -8.93 -31.73 -15.57
C SER C 237 -10.26 -32.45 -15.39
N LEU C 238 -11.13 -32.33 -16.38
CA LEU C 238 -12.41 -33.02 -16.35
C LEU C 238 -12.30 -34.30 -17.15
N GLY C 239 -13.00 -35.32 -16.70
CA GLY C 239 -13.02 -36.56 -17.44
C GLY C 239 -13.98 -36.50 -18.60
N TYR C 240 -13.76 -37.41 -19.55
CA TYR C 240 -14.78 -37.64 -20.57
C TYR C 240 -14.66 -39.07 -21.04
N VAL C 241 -15.75 -39.60 -21.55
CA VAL C 241 -15.70 -40.82 -22.33
C VAL C 241 -15.91 -40.44 -23.78
N ALA C 242 -15.50 -41.34 -24.66
CA ALA C 242 -15.65 -41.14 -26.09
C ALA C 242 -16.73 -42.07 -26.62
N THR C 243 -17.19 -41.79 -27.83
CA THR C 243 -18.23 -42.62 -28.42
C THR C 243 -17.66 -43.75 -29.25
N GLY C 244 -16.61 -43.48 -30.02
CA GLY C 244 -16.27 -44.39 -31.09
C GLY C 244 -16.24 -43.66 -32.40
N ALA C 245 -17.26 -43.90 -33.23
CA ALA C 245 -17.36 -43.27 -34.54
C ALA C 245 -17.39 -41.75 -34.40
N ALA C 246 -17.02 -41.08 -35.49
CA ALA C 246 -16.65 -39.67 -35.43
C ALA C 246 -17.86 -38.75 -35.32
N GLY C 247 -18.66 -38.69 -36.37
CA GLY C 247 -19.69 -37.68 -36.45
C GLY C 247 -21.05 -38.12 -35.95
N ASP C 248 -21.08 -39.18 -35.14
CA ASP C 248 -22.34 -39.71 -34.66
C ASP C 248 -22.05 -40.55 -33.42
N PHE C 249 -23.08 -41.17 -32.89
CA PHE C 249 -22.91 -42.14 -31.82
C PHE C 249 -22.33 -43.45 -32.38
N ALA C 250 -22.13 -44.39 -31.47
CA ALA C 250 -21.60 -45.69 -31.85
C ALA C 250 -22.53 -46.38 -32.83
N ALA C 251 -21.94 -47.11 -33.78
CA ALA C 251 -22.71 -47.65 -34.89
C ALA C 251 -23.27 -49.03 -34.57
N VAL C 252 -22.42 -49.94 -34.08
CA VAL C 252 -22.86 -51.31 -33.88
C VAL C 252 -23.75 -51.42 -32.66
N ASN C 253 -23.20 -51.12 -31.49
CA ASN C 253 -23.99 -51.00 -30.27
C ASN C 253 -24.14 -49.50 -30.01
N ALA C 254 -25.24 -48.94 -30.47
CA ALA C 254 -25.50 -47.55 -30.15
C ALA C 254 -25.98 -47.42 -28.71
N SER C 255 -26.03 -46.19 -28.22
CA SER C 255 -26.65 -45.85 -26.95
C SER C 255 -25.96 -46.49 -25.76
N ASP C 256 -24.74 -47.00 -25.96
CA ASP C 256 -23.95 -47.49 -24.85
C ASP C 256 -22.88 -46.49 -24.44
N ALA C 257 -22.62 -45.49 -25.27
CA ALA C 257 -21.74 -44.40 -24.87
C ALA C 257 -22.40 -43.47 -23.88
N VAL C 258 -23.72 -43.52 -23.77
CA VAL C 258 -24.41 -42.70 -22.78
C VAL C 258 -24.42 -43.42 -21.44
N VAL C 259 -24.61 -44.73 -21.43
CA VAL C 259 -24.84 -45.41 -20.17
C VAL C 259 -23.55 -45.57 -19.40
N ASP C 260 -22.42 -45.69 -20.09
CA ASP C 260 -21.14 -45.74 -19.38
C ASP C 260 -20.65 -44.36 -18.99
N LEU C 261 -21.08 -43.33 -19.71
CA LEU C 261 -20.89 -41.97 -19.23
C LEU C 261 -21.57 -41.78 -17.88
N VAL C 262 -22.74 -42.40 -17.70
CA VAL C 262 -23.40 -42.36 -16.41
C VAL C 262 -22.59 -43.10 -15.36
N TYR C 263 -22.24 -44.36 -15.64
CA TYR C 263 -21.62 -45.22 -14.65
C TYR C 263 -20.14 -45.04 -14.57
N ALA C 264 -19.62 -43.88 -14.97
CA ALA C 264 -18.26 -43.50 -14.69
C ALA C 264 -18.19 -42.17 -13.97
N LEU C 265 -19.33 -41.71 -13.44
CA LEU C 265 -19.44 -40.39 -12.81
C LEU C 265 -19.25 -40.46 -11.30
N GLY C 266 -19.03 -41.63 -10.74
CA GLY C 266 -18.88 -41.74 -9.31
C GLY C 266 -20.21 -41.99 -8.65
N ALA C 267 -20.25 -42.90 -7.69
CA ALA C 267 -21.54 -43.32 -7.15
C ALA C 267 -22.14 -42.24 -6.26
N GLU C 268 -21.31 -41.39 -5.66
CA GLU C 268 -21.84 -40.32 -4.84
C GLU C 268 -22.36 -39.16 -5.66
N TYR C 269 -21.69 -38.87 -6.78
CA TYR C 269 -22.05 -37.68 -7.61
C TYR C 269 -23.35 -37.95 -8.37
N ARG C 270 -23.61 -39.21 -8.73
CA ARG C 270 -24.80 -39.54 -9.50
C ARG C 270 -26.07 -39.39 -8.69
N ALA C 271 -25.97 -39.09 -7.39
CA ALA C 271 -27.16 -39.03 -6.57
C ALA C 271 -28.08 -37.89 -7.00
N ASN C 272 -27.52 -36.71 -7.23
CA ASN C 272 -28.27 -35.59 -7.79
C ASN C 272 -27.44 -34.96 -8.90
N ALA C 273 -27.58 -35.50 -10.10
CA ALA C 273 -26.82 -35.06 -11.26
C ALA C 273 -27.77 -34.51 -12.31
N SER C 274 -27.21 -34.05 -13.41
CA SER C 274 -28.03 -33.49 -14.48
C SER C 274 -27.27 -33.58 -15.79
N PHE C 275 -27.96 -34.03 -16.83
CA PHE C 275 -27.46 -33.92 -18.18
C PHE C 275 -27.56 -32.48 -18.67
N VAL C 276 -26.61 -32.08 -19.51
CA VAL C 276 -26.61 -30.76 -20.11
C VAL C 276 -26.37 -30.90 -21.61
N MET C 277 -27.33 -30.48 -22.40
CA MET C 277 -27.22 -30.46 -23.85
C MET C 277 -27.86 -29.20 -24.39
N ASN C 278 -27.60 -28.91 -25.66
CA ASN C 278 -28.41 -27.92 -26.35
C ASN C 278 -29.62 -28.61 -26.97
N SER C 279 -30.61 -27.80 -27.33
CA SER C 279 -31.90 -28.36 -27.68
C SER C 279 -31.90 -29.04 -29.04
N LYS C 280 -30.83 -28.92 -29.81
CA LYS C 280 -30.74 -29.59 -31.10
C LYS C 280 -29.98 -30.90 -31.03
N THR C 281 -29.23 -31.14 -29.95
CA THR C 281 -28.67 -32.45 -29.71
C THR C 281 -29.70 -33.37 -29.07
N ALA C 282 -30.54 -32.82 -28.20
CA ALA C 282 -31.52 -33.63 -27.50
C ALA C 282 -32.53 -34.23 -28.47
N GLY C 283 -32.72 -33.60 -29.62
CA GLY C 283 -33.44 -34.28 -30.68
C GLY C 283 -32.70 -35.48 -31.21
N ALA C 284 -31.40 -35.34 -31.45
CA ALA C 284 -30.67 -36.45 -32.05
C ALA C 284 -30.45 -37.59 -31.07
N VAL C 285 -30.56 -37.32 -29.77
CA VAL C 285 -30.64 -38.39 -28.78
C VAL C 285 -32.00 -39.06 -28.84
N ARG C 286 -33.05 -38.26 -28.90
CA ARG C 286 -34.41 -38.80 -28.85
C ARG C 286 -34.74 -39.55 -30.13
N LYS C 287 -34.12 -39.17 -31.24
CA LYS C 287 -34.35 -39.85 -32.50
C LYS C 287 -33.72 -41.23 -32.56
N MET C 288 -32.89 -41.60 -31.59
CA MET C 288 -32.33 -42.95 -31.59
C MET C 288 -33.43 -43.98 -31.36
N LYS C 289 -33.34 -45.08 -32.08
CA LYS C 289 -34.40 -46.07 -32.12
C LYS C 289 -33.80 -47.46 -32.16
N ASP C 290 -34.64 -48.45 -31.86
CA ASP C 290 -34.22 -49.83 -31.83
C ASP C 290 -34.14 -50.39 -33.25
N ALA C 291 -34.06 -51.72 -33.37
CA ALA C 291 -34.15 -52.34 -34.68
C ALA C 291 -35.57 -52.36 -35.23
N ASP C 292 -36.56 -52.03 -34.41
CA ASP C 292 -37.95 -52.13 -34.80
C ASP C 292 -38.52 -50.82 -35.30
N GLY C 293 -37.72 -49.76 -35.30
CA GLY C 293 -38.19 -48.43 -35.65
C GLY C 293 -38.77 -47.64 -34.49
N ARG C 294 -38.86 -48.25 -33.31
CA ARG C 294 -39.37 -47.57 -32.13
C ARG C 294 -38.21 -46.87 -31.42
N PHE C 295 -38.38 -45.59 -31.12
CA PHE C 295 -37.33 -44.88 -30.42
C PHE C 295 -37.32 -45.26 -28.94
N LEU C 296 -36.12 -45.50 -28.42
CA LEU C 296 -35.95 -46.32 -27.24
C LEU C 296 -36.02 -45.56 -25.92
N TRP C 297 -35.61 -44.29 -25.88
CA TRP C 297 -35.60 -43.57 -24.62
C TRP C 297 -37.00 -43.11 -24.23
N ALA C 298 -37.41 -43.46 -23.01
CA ALA C 298 -38.71 -43.04 -22.51
C ALA C 298 -38.55 -41.95 -21.45
N GLU C 305 -41.93 -32.76 -18.89
CA GLU C 305 -41.51 -31.36 -18.59
C GLU C 305 -40.04 -31.36 -18.19
N PRO C 306 -39.66 -32.00 -17.06
CA PRO C 306 -38.25 -32.08 -16.65
C PRO C 306 -37.39 -32.69 -17.77
N ALA C 307 -38.05 -33.30 -18.76
CA ALA C 307 -37.36 -34.06 -19.81
C ALA C 307 -36.19 -34.87 -19.24
N ARG C 308 -36.51 -35.70 -18.26
CA ARG C 308 -35.48 -36.53 -17.66
C ARG C 308 -35.08 -37.63 -18.65
N LEU C 309 -33.82 -38.07 -18.56
CA LEU C 309 -33.30 -39.10 -19.44
C LEU C 309 -32.65 -40.18 -18.59
N MET C 310 -33.12 -41.41 -18.77
CA MET C 310 -32.76 -42.51 -17.88
C MET C 310 -33.01 -42.12 -16.43
N GLY C 311 -34.15 -41.48 -16.19
CA GLY C 311 -34.46 -40.96 -14.88
C GLY C 311 -33.75 -39.69 -14.48
N TYR C 312 -32.55 -39.47 -14.99
CA TYR C 312 -31.83 -38.32 -14.48
C TYR C 312 -32.28 -37.05 -15.18
N PRO C 313 -32.37 -35.94 -14.44
CA PRO C 313 -32.84 -34.70 -15.05
C PRO C 313 -31.89 -34.22 -16.12
N VAL C 314 -32.44 -33.44 -17.06
CA VAL C 314 -31.68 -32.91 -18.18
C VAL C 314 -31.91 -31.41 -18.21
N LEU C 315 -30.83 -30.65 -18.14
CA LEU C 315 -30.89 -29.21 -18.34
C LEU C 315 -30.57 -28.93 -19.79
N ILE C 316 -31.57 -28.51 -20.55
CA ILE C 316 -31.39 -28.12 -21.94
C ILE C 316 -30.74 -26.74 -21.93
N ALA C 317 -29.41 -26.69 -22.07
CA ALA C 317 -28.72 -25.43 -22.23
C ALA C 317 -28.83 -25.00 -23.68
N GLU C 318 -28.14 -23.93 -24.06
CA GLU C 318 -28.15 -23.51 -25.45
C GLU C 318 -26.77 -23.11 -25.91
N ASP C 319 -25.74 -23.81 -25.44
CA ASP C 319 -24.38 -23.36 -25.70
C ASP C 319 -23.45 -24.45 -26.12
N MET C 320 -23.73 -25.69 -25.86
CA MET C 320 -22.78 -26.72 -26.24
C MET C 320 -22.93 -27.01 -27.73
N PRO C 321 -21.86 -27.46 -28.37
CA PRO C 321 -21.94 -27.80 -29.79
C PRO C 321 -22.71 -29.09 -30.01
N ASP C 322 -23.13 -29.27 -31.27
CA ASP C 322 -23.88 -30.45 -31.67
C ASP C 322 -22.94 -31.61 -31.94
N ILE C 323 -23.43 -32.61 -32.67
CA ILE C 323 -22.64 -33.81 -32.93
C ILE C 323 -21.67 -33.49 -34.06
N ALA C 324 -20.47 -33.04 -33.70
CA ALA C 324 -19.41 -32.77 -34.64
C ALA C 324 -18.38 -33.89 -34.62
N ALA C 325 -17.23 -33.64 -35.26
CA ALA C 325 -16.17 -34.65 -35.28
C ALA C 325 -15.60 -34.87 -33.89
N ASN C 326 -15.19 -33.80 -33.22
CA ASN C 326 -14.55 -33.95 -31.92
C ASN C 326 -15.19 -33.05 -30.88
N ALA C 327 -16.48 -32.81 -30.99
CA ALA C 327 -17.15 -31.93 -30.06
C ALA C 327 -17.50 -32.66 -28.77
N TYR C 328 -17.62 -31.90 -27.69
CA TYR C 328 -18.09 -32.41 -26.41
C TYR C 328 -19.51 -31.91 -26.26
N ALA C 329 -20.45 -32.69 -26.81
CA ALA C 329 -21.82 -32.23 -26.96
C ALA C 329 -22.68 -32.50 -25.75
N ILE C 330 -22.42 -33.58 -25.02
CA ILE C 330 -23.28 -34.02 -23.94
C ILE C 330 -22.51 -33.92 -22.64
N ALA C 331 -23.09 -33.23 -21.67
CA ALA C 331 -22.49 -33.10 -20.35
C ALA C 331 -23.33 -33.84 -19.34
N PHE C 332 -22.70 -34.19 -18.22
CA PHE C 332 -23.38 -34.89 -17.15
C PHE C 332 -22.58 -34.75 -15.88
N GLY C 333 -23.26 -34.65 -14.76
CA GLY C 333 -22.59 -34.71 -13.48
C GLY C 333 -23.34 -33.92 -12.42
N ASP C 334 -22.77 -33.95 -11.22
CA ASP C 334 -23.34 -33.30 -10.05
C ASP C 334 -22.85 -31.87 -10.04
N PHE C 335 -23.65 -30.96 -10.59
CA PHE C 335 -23.26 -29.57 -10.60
C PHE C 335 -23.47 -28.88 -9.25
N GLY C 336 -24.08 -29.56 -8.29
CA GLY C 336 -24.19 -28.99 -6.96
C GLY C 336 -22.85 -28.91 -6.25
N ASN C 337 -21.91 -29.79 -6.61
CA ASN C 337 -20.55 -29.72 -6.13
C ASN C 337 -19.55 -29.41 -7.23
N GLY C 338 -19.92 -29.61 -8.49
CA GLY C 338 -18.95 -29.54 -9.57
C GLY C 338 -18.65 -28.13 -10.02
N TYR C 339 -19.64 -27.25 -9.99
CA TYR C 339 -19.49 -25.91 -10.54
C TYR C 339 -19.95 -24.90 -9.48
N THR C 340 -19.18 -23.84 -9.32
CA THR C 340 -19.49 -22.81 -8.34
C THR C 340 -19.72 -21.49 -9.06
N ILE C 341 -20.86 -20.87 -8.80
CA ILE C 341 -21.18 -19.54 -9.30
C ILE C 341 -21.04 -18.54 -8.17
N ALA C 342 -20.23 -17.52 -8.39
CA ALA C 342 -20.03 -16.46 -7.42
C ALA C 342 -20.58 -15.16 -8.00
N GLU C 343 -21.39 -14.45 -7.23
CA GLU C 343 -22.03 -13.25 -7.75
C GLU C 343 -22.47 -12.36 -6.61
N ARG C 344 -22.83 -11.12 -6.97
CA ARG C 344 -23.55 -10.17 -6.14
C ARG C 344 -25.03 -10.23 -6.46
N PRO C 345 -25.88 -10.27 -5.47
CA PRO C 345 -27.31 -10.50 -5.69
C PRO C 345 -28.11 -9.24 -5.97
N ASP C 346 -27.64 -8.43 -6.93
CA ASP C 346 -28.37 -7.23 -7.30
C ASP C 346 -28.00 -6.84 -8.72
N LEU C 347 -28.79 -5.93 -9.28
CA LEU C 347 -28.61 -5.43 -10.64
C LEU C 347 -28.52 -3.91 -10.50
N ARG C 348 -27.32 -3.41 -10.25
CA ARG C 348 -27.14 -1.99 -9.95
C ARG C 348 -27.23 -1.18 -11.23
N VAL C 349 -28.21 -0.28 -11.30
CA VAL C 349 -28.49 0.50 -12.49
C VAL C 349 -28.00 1.92 -12.28
N LEU C 350 -27.27 2.44 -13.26
CA LEU C 350 -26.87 3.84 -13.28
C LEU C 350 -27.39 4.47 -14.55
N ARG C 351 -28.35 5.37 -14.42
CA ARG C 351 -28.82 6.13 -15.57
C ARG C 351 -27.91 7.32 -15.78
N ASP C 352 -27.70 7.68 -17.04
CA ASP C 352 -26.62 8.59 -17.44
C ASP C 352 -27.21 9.75 -18.22
N PRO C 353 -27.77 10.74 -17.55
CA PRO C 353 -28.47 11.82 -18.26
C PRO C 353 -27.54 12.75 -19.00
N PHE C 354 -26.23 12.60 -18.90
CA PHE C 354 -25.31 13.67 -19.25
C PHE C 354 -24.50 13.40 -20.51
N SER C 355 -24.07 12.17 -20.75
CA SER C 355 -23.15 11.93 -21.85
C SER C 355 -23.86 12.06 -23.19
N ALA C 356 -24.84 11.22 -23.44
CA ALA C 356 -25.76 11.43 -24.56
C ALA C 356 -26.79 12.43 -24.09
N LYS C 357 -26.69 13.66 -24.59
CA LYS C 357 -27.45 14.75 -23.99
C LYS C 357 -28.95 14.68 -24.23
N PRO C 358 -29.45 14.35 -25.43
CA PRO C 358 -30.89 14.11 -25.55
C PRO C 358 -31.32 12.71 -25.14
N HIS C 359 -30.44 11.98 -24.47
CA HIS C 359 -30.72 10.59 -24.13
C HIS C 359 -30.45 10.33 -22.65
N VAL C 360 -30.83 9.13 -22.22
CA VAL C 360 -30.79 8.76 -20.81
C VAL C 360 -29.70 7.74 -20.53
N LEU C 361 -29.49 6.81 -21.45
CA LEU C 361 -28.27 5.99 -21.48
C LEU C 361 -28.12 5.17 -20.18
N PHE C 362 -29.02 4.21 -20.02
CA PHE C 362 -28.98 3.31 -18.88
C PHE C 362 -27.69 2.50 -18.87
N TYR C 363 -26.94 2.60 -17.79
CA TYR C 363 -25.76 1.76 -17.57
C TYR C 363 -26.01 0.90 -16.33
N ALA C 364 -26.16 -0.40 -16.53
CA ALA C 364 -26.42 -1.32 -15.44
C ALA C 364 -25.43 -2.47 -15.50
N SER C 365 -25.06 -2.99 -14.33
CA SER C 365 -24.01 -4.00 -14.28
C SER C 365 -24.18 -4.85 -13.03
N LYS C 366 -24.47 -6.13 -13.19
CA LYS C 366 -24.25 -7.10 -12.14
C LYS C 366 -23.00 -7.89 -12.47
N ARG C 367 -22.27 -8.28 -11.43
CA ARG C 367 -20.96 -8.85 -11.59
C ARG C 367 -20.94 -10.27 -11.07
N VAL C 368 -20.31 -11.17 -11.84
CA VAL C 368 -20.48 -12.59 -11.64
C VAL C 368 -19.20 -13.29 -12.06
N GLY C 369 -18.95 -14.45 -11.45
CA GLY C 369 -17.82 -15.28 -11.84
C GLY C 369 -18.10 -16.71 -11.43
N GLY C 370 -17.27 -17.62 -11.93
CA GLY C 370 -17.32 -18.98 -11.47
C GLY C 370 -16.80 -19.99 -12.45
N ASP C 371 -16.02 -20.95 -11.97
CA ASP C 371 -15.55 -22.04 -12.81
C ASP C 371 -15.72 -23.35 -12.05
N VAL C 372 -15.05 -24.40 -12.53
CA VAL C 372 -15.28 -25.73 -11.99
C VAL C 372 -14.76 -25.81 -10.56
N SER C 373 -15.41 -26.66 -9.78
CA SER C 373 -15.12 -26.80 -8.36
C SER C 373 -14.66 -28.20 -7.99
N ASP C 374 -15.28 -29.21 -8.59
CA ASP C 374 -14.94 -30.63 -8.31
C ASP C 374 -14.77 -31.35 -9.65
N PHE C 375 -13.53 -31.68 -10.02
CA PHE C 375 -13.29 -32.16 -11.38
C PHE C 375 -13.87 -33.54 -11.62
N ALA C 376 -14.09 -34.32 -10.58
CA ALA C 376 -14.71 -35.62 -10.78
C ALA C 376 -16.22 -35.55 -10.85
N ALA C 377 -16.82 -34.41 -10.50
CA ALA C 377 -18.26 -34.29 -10.44
C ALA C 377 -18.88 -33.92 -11.78
N ILE C 378 -18.10 -33.95 -12.85
CA ILE C 378 -18.59 -33.72 -14.20
C ILE C 378 -17.89 -34.70 -15.12
N LYS C 379 -18.66 -35.40 -15.95
CA LYS C 379 -18.09 -36.18 -17.04
C LYS C 379 -18.69 -35.71 -18.35
N LEU C 380 -17.94 -35.89 -19.42
CA LEU C 380 -18.30 -35.38 -20.74
C LEU C 380 -18.33 -36.51 -21.74
N LEU C 381 -18.68 -36.18 -22.97
CA LEU C 381 -18.79 -37.16 -24.05
C LEU C 381 -18.12 -36.61 -25.30
N LYS C 382 -16.98 -37.19 -25.66
CA LYS C 382 -16.32 -36.87 -26.91
C LYS C 382 -16.83 -37.78 -28.01
N PHE C 383 -16.72 -37.30 -29.25
CA PHE C 383 -17.17 -38.09 -30.39
C PHE C 383 -16.03 -38.54 -31.28
N ALA C 384 -14.81 -38.56 -30.75
CA ALA C 384 -13.65 -38.84 -31.59
C ALA C 384 -13.45 -40.34 -31.81
N ALA C 385 -13.17 -41.07 -30.75
CA ALA C 385 -12.77 -42.46 -30.84
C ALA C 385 -12.92 -43.15 -29.50
#